data_2EC0
#
_entry.id   2EC0
#
_cell.length_a   95.656
_cell.length_b   95.656
_cell.length_c   201.458
_cell.angle_alpha   90.00
_cell.angle_beta   90.00
_cell.angle_gamma   120.00
#
_symmetry.space_group_name_H-M   'P 31 2 1'
#
loop_
_entity.id
_entity.type
_entity.pdbx_description
1 polymer "5'-R(P*AP*UP*GP*GP*GP*CP*CP*C)-3'"
2 polymer "5'-R(*GP*GP*GP*CP*CP*CP*A)-3'"
3 polymer 'RNA-dependent RNA polymerase'
4 non-polymer 'MAGNESIUM ION'
5 non-polymer PYROPHOSPHATE
6 water water
#
loop_
_entity_poly.entity_id
_entity_poly.type
_entity_poly.pdbx_seq_one_letter_code
_entity_poly.pdbx_strand_id
1 'polyribonucleotide' AUGGGCCC B,E
2 'polyribonucleotide' GGGCCCA C,F
3 'polypeptide(L)'
;GLIVDTRDVEERVHVMRKTKLAPTVAHGVFNPEFGPAALSNKDPRLNEGVVLDEVIFSKHKGDTKMSAEDKALFRRCAAD
YASRLHSVLGTANAPLSIYEAIKGVDGLDAMEPDTAPGLPWALQGKRRGALIDFENGTVGPEVEAALKLMEKREYKFACQ
TFLKDEIRPMEKVRAGKTRIVDVLPVEHILYTRMMIGRFCAQMHSNNGPQIGSAVGCNPDVDWQRFGTHFAQYRNVWDVD
YSAFDANHCSDAMNIMFEEVFRTEFGFHPNAEWILKTLVNTEHAYENKRITVEGGMPSGCSATSIINTILNNIYVLYALR
RHYEGVELDTYTMISYGDDIVVASDYDLDFEALKPHFKSLGQTITPADKSDKGFVLGHSITDVTFLKRHFHMDYGTGFYK
PVMASKTLEAILSFARRGTIQEKLISVAGLAVHSGPDEYRRLFEPFQGLFEIPSYRSLYLRWVNAVCGDAAALEHH
;
A,D
#
loop_
_chem_comp.id
_chem_comp.type
_chem_comp.name
_chem_comp.formula
A RNA linking ADENOSINE-5'-MONOPHOSPHATE 'C10 H14 N5 O7 P'
C RNA linking CYTIDINE-5'-MONOPHOSPHATE 'C9 H14 N3 O8 P'
G RNA linking GUANOSINE-5'-MONOPHOSPHATE 'C10 H14 N5 O8 P'
MG non-polymer 'MAGNESIUM ION' 'Mg 2'
PPV non-polymer PYROPHOSPHATE 'H4 O7 P2'
U RNA linking URIDINE-5'-MONOPHOSPHATE 'C9 H13 N2 O9 P'
#
# COMPACT_ATOMS: atom_id res chain seq x y z
N GLY E 1 30.87 16.77 -13.40
CA GLY E 1 30.14 17.26 -14.60
C GLY E 1 30.94 18.29 -15.38
N LEU E 2 30.24 19.04 -16.22
CA LEU E 2 30.83 20.08 -17.05
C LEU E 2 30.11 21.41 -16.84
N ILE E 3 30.83 22.41 -16.37
CA ILE E 3 30.27 23.74 -16.19
C ILE E 3 30.24 24.48 -17.53
N VAL E 4 29.03 24.78 -18.02
CA VAL E 4 28.89 25.44 -19.33
C VAL E 4 28.59 26.95 -19.29
N ASP E 5 28.07 27.41 -18.16
CA ASP E 5 27.68 28.82 -18.01
C ASP E 5 27.66 29.28 -16.55
N THR E 6 28.34 30.39 -16.26
CA THR E 6 28.34 30.98 -14.92
C THR E 6 27.97 32.46 -14.99
N ARG E 7 26.81 32.81 -14.42
CA ARG E 7 26.29 34.17 -14.46
C ARG E 7 25.85 34.68 -13.08
N ASP E 8 25.90 36.00 -12.90
CA ASP E 8 25.54 36.62 -11.63
C ASP E 8 24.18 37.31 -11.70
N VAL E 9 23.22 36.86 -10.87
CA VAL E 9 21.93 37.53 -10.75
C VAL E 9 21.72 38.17 -9.37
N GLU E 10 20.83 39.16 -9.31
CA GLU E 10 20.58 39.92 -8.08
C GLU E 10 19.86 39.10 -7.01
N GLU E 11 18.94 38.23 -7.44
CA GLU E 11 18.19 37.36 -6.54
C GLU E 11 19.12 36.38 -5.80
N ARG E 12 19.45 36.71 -4.56
CA ARG E 12 20.43 35.98 -3.74
C ARG E 12 19.83 34.76 -3.02
N VAL E 13 20.60 33.67 -2.92
CA VAL E 13 20.19 32.50 -2.13
C VAL E 13 21.14 32.29 -0.95
N HIS E 14 20.72 32.75 0.23
CA HIS E 14 21.57 32.75 1.43
C HIS E 14 21.67 31.38 2.10
N VAL E 15 22.91 30.93 2.27
CA VAL E 15 23.22 29.66 2.94
C VAL E 15 24.40 29.79 3.93
N MET E 16 25.11 30.93 3.88
CA MET E 16 26.36 31.22 4.64
C MET E 16 26.67 30.25 5.78
N ARG E 17 26.17 30.60 6.98
CA ARG E 17 26.22 29.77 8.20
C ARG E 17 27.59 29.52 8.84
N LYS E 18 27.59 29.66 10.16
CA LYS E 18 28.61 29.10 11.03
C LYS E 18 28.21 27.64 11.23
N THR E 19 29.12 26.84 11.77
CA THR E 19 28.85 25.42 12.04
C THR E 19 27.89 25.19 13.23
N LYS E 20 27.15 24.10 13.18
CA LYS E 20 26.32 23.69 14.31
C LYS E 20 26.99 22.62 15.17
N LEU E 21 28.21 22.23 14.78
CA LEU E 21 28.93 21.18 15.48
C LEU E 21 29.90 21.74 16.50
N ALA E 22 29.57 21.56 17.77
CA ALA E 22 30.44 21.98 18.88
C ALA E 22 31.28 20.80 19.35
N PRO E 23 32.51 21.06 19.85
CA PRO E 23 33.32 19.98 20.40
C PRO E 23 32.70 19.37 21.66
N THR E 24 33.02 18.11 21.95
CA THR E 24 32.50 17.45 23.13
C THR E 24 33.61 17.28 24.16
N VAL E 25 33.23 16.81 25.35
CA VAL E 25 34.16 16.51 26.43
C VAL E 25 35.25 15.53 25.98
N ALA E 26 35.02 14.86 24.85
CA ALA E 26 35.97 13.89 24.31
C ALA E 26 37.04 14.49 23.39
N HIS E 27 36.78 15.65 22.81
CA HIS E 27 37.73 16.28 21.88
C HIS E 27 39.03 16.66 22.60
N GLY E 28 38.90 17.15 23.82
CA GLY E 28 40.06 17.42 24.67
C GLY E 28 40.84 16.15 24.98
N VAL E 29 40.25 14.99 24.67
CA VAL E 29 40.85 13.71 25.03
C VAL E 29 41.33 12.93 23.80
N PHE E 30 40.56 12.95 22.72
CA PHE E 30 40.92 12.14 21.55
C PHE E 30 41.82 12.88 20.56
N ASN E 31 41.77 14.21 20.58
CA ASN E 31 42.54 15.06 19.68
C ASN E 31 42.51 14.52 18.25
N PRO E 32 41.30 14.42 17.66
CA PRO E 32 41.16 13.78 16.36
C PRO E 32 41.69 14.64 15.21
N GLU E 33 42.33 14.01 14.23
CA GLU E 33 42.73 14.71 13.01
C GLU E 33 41.50 15.07 12.16
N PHE E 34 40.45 15.55 12.84
CA PHE E 34 39.15 15.83 12.26
C PHE E 34 38.55 17.12 12.82
N GLY E 35 37.69 17.75 12.04
CA GLY E 35 36.98 18.95 12.47
C GLY E 35 35.89 19.30 11.49
N PRO E 36 35.02 20.26 11.84
CA PRO E 36 33.92 20.62 10.94
C PRO E 36 34.44 21.36 9.71
N ALA E 37 33.84 21.09 8.56
CA ALA E 37 34.25 21.70 7.30
C ALA E 37 34.02 23.20 7.34
N ALA E 38 34.85 23.94 6.61
CA ALA E 38 34.74 25.40 6.54
C ALA E 38 33.53 25.83 5.71
N LEU E 39 32.74 26.73 6.27
CA LEU E 39 31.47 27.14 5.66
C LEU E 39 31.44 28.64 5.29
N SER E 40 32.47 29.38 5.69
CA SER E 40 32.63 30.76 5.24
C SER E 40 33.99 30.95 4.59
N ASN E 41 34.04 31.88 3.65
CA ASN E 41 35.24 32.12 2.85
C ASN E 41 36.40 32.74 3.64
N LYS E 42 36.07 33.35 4.78
CA LYS E 42 37.06 33.94 5.68
C LYS E 42 37.29 33.06 6.90
N ASP E 43 37.39 31.76 6.68
CA ASP E 43 37.66 30.82 7.76
C ASP E 43 39.15 30.86 8.09
N PRO E 44 39.49 31.11 9.36
CA PRO E 44 40.89 31.15 9.80
C PRO E 44 41.59 29.81 9.66
N ARG E 45 40.82 28.73 9.63
CA ARG E 45 41.37 27.38 9.52
C ARG E 45 41.79 27.04 8.09
N LEU E 46 41.32 27.83 7.13
CA LEU E 46 41.65 27.62 5.73
C LEU E 46 43.13 27.86 5.44
N ASN E 47 43.63 27.19 4.39
CA ASN E 47 44.97 27.40 3.87
C ASN E 47 45.16 28.76 3.20
N GLU E 48 46.42 29.12 2.97
CA GLU E 48 46.79 30.25 2.12
C GLU E 48 46.75 29.80 0.65
N GLY E 49 46.04 30.57 -0.17
CA GLY E 49 45.80 30.21 -1.58
C GLY E 49 44.66 29.23 -1.72
N VAL E 50 43.57 29.48 -0.99
CA VAL E 50 42.36 28.65 -1.05
C VAL E 50 41.11 29.53 -0.95
N VAL E 51 40.23 29.40 -1.94
CA VAL E 51 38.92 30.05 -1.94
C VAL E 51 37.86 28.96 -1.84
N LEU E 52 36.82 29.19 -1.04
CA LEU E 52 35.79 28.19 -0.84
C LEU E 52 35.02 27.92 -2.14
N ASP E 53 34.47 28.97 -2.75
CA ASP E 53 33.65 28.86 -3.96
C ASP E 53 34.34 28.21 -5.16
N GLU E 54 35.67 28.29 -5.20
CA GLU E 54 36.42 27.64 -6.29
C GLU E 54 36.61 26.14 -6.04
N VAL E 55 36.85 25.76 -4.78
CA VAL E 55 37.09 24.35 -4.43
C VAL E 55 35.78 23.61 -4.36
N ILE E 56 34.73 24.32 -3.97
CA ILE E 56 33.38 23.78 -3.90
C ILE E 56 32.97 23.17 -5.23
N PHE E 57 33.19 23.91 -6.32
CA PHE E 57 32.77 23.49 -7.64
C PHE E 57 33.90 22.87 -8.46
N SER E 58 35.06 22.69 -7.84
CA SER E 58 36.24 22.16 -8.53
C SER E 58 36.11 20.67 -8.88
N LYS E 59 34.96 20.09 -8.54
CA LYS E 59 34.72 18.68 -8.84
C LYS E 59 34.23 18.50 -10.28
N HIS E 60 33.64 19.56 -10.85
CA HIS E 60 33.18 19.53 -12.23
C HIS E 60 34.33 19.73 -13.21
N LYS E 61 34.91 18.61 -13.63
CA LYS E 61 36.09 18.61 -14.48
C LYS E 61 35.77 18.16 -15.91
N GLY E 62 34.53 18.33 -16.34
CA GLY E 62 34.11 17.92 -17.68
C GLY E 62 33.16 16.73 -17.77
N ASP E 63 32.30 16.75 -18.79
CA ASP E 63 31.38 15.65 -19.11
C ASP E 63 32.00 14.76 -20.18
N THR E 64 32.55 13.62 -19.77
CA THR E 64 33.17 12.68 -20.71
C THR E 64 32.21 12.17 -21.78
N LYS E 65 32.50 12.50 -23.03
CA LYS E 65 31.68 12.03 -24.15
C LYS E 65 32.14 10.65 -24.64
N MET E 66 31.17 9.83 -25.06
CA MET E 66 31.43 8.43 -25.44
C MET E 66 31.25 8.17 -26.93
N SER E 67 32.08 7.27 -27.47
CA SER E 67 31.99 6.85 -28.87
C SER E 67 30.74 6.00 -29.14
N ALA E 68 30.39 5.85 -30.42
CA ALA E 68 29.26 5.01 -30.82
C ALA E 68 29.47 3.56 -30.37
N GLU E 69 30.70 3.07 -30.54
CA GLU E 69 31.07 1.73 -30.13
C GLU E 69 30.91 1.57 -28.61
N ASP E 70 31.39 2.55 -27.84
CA ASP E 70 31.32 2.49 -26.38
C ASP E 70 29.89 2.69 -25.86
N LYS E 71 29.15 3.57 -26.51
CA LYS E 71 27.75 3.82 -26.15
C LYS E 71 26.92 2.54 -26.32
N ALA E 72 27.09 1.88 -27.47
CA ALA E 72 26.39 0.63 -27.73
C ALA E 72 26.81 -0.50 -26.77
N LEU E 73 28.06 -0.53 -26.33
CA LEU E 73 28.48 -1.53 -25.34
C LEU E 73 27.92 -1.22 -23.94
N PHE E 74 27.84 0.05 -23.58
CA PHE E 74 27.21 0.42 -22.32
C PHE E 74 25.73 0.03 -22.34
N ARG E 75 25.10 0.18 -23.51
CA ARG E 75 23.67 -0.11 -23.65
C ARG E 75 23.37 -1.60 -23.47
N ARG E 76 24.25 -2.45 -23.98
CA ARG E 76 24.15 -3.89 -23.76
C ARG E 76 24.34 -4.24 -22.29
N CYS E 77 25.29 -3.59 -21.64
CA CYS E 77 25.55 -3.85 -20.22
C CYS E 77 24.40 -3.40 -19.34
N ALA E 78 23.76 -2.30 -19.75
CA ALA E 78 22.64 -1.76 -19.03
C ALA E 78 21.45 -2.70 -19.24
N ALA E 79 21.33 -3.23 -20.45
CA ALA E 79 20.21 -4.13 -20.76
C ALA E 79 20.42 -5.42 -19.99
N ASP E 80 21.63 -5.94 -20.03
CA ASP E 80 21.97 -7.19 -19.36
C ASP E 80 21.79 -7.09 -17.84
N TYR E 81 22.17 -5.96 -17.24
CA TYR E 81 21.94 -5.75 -15.81
C TYR E 81 20.47 -5.60 -15.49
N ALA E 82 19.78 -4.75 -16.25
CA ALA E 82 18.33 -4.58 -16.12
C ALA E 82 17.64 -5.93 -16.15
N SER E 83 18.04 -6.78 -17.10
CA SER E 83 17.45 -8.11 -17.24
C SER E 83 17.54 -8.90 -15.93
N ARG E 84 18.72 -8.89 -15.30
CA ARG E 84 18.95 -9.59 -14.03
C ARG E 84 18.18 -8.93 -12.90
N LEU E 85 18.21 -7.60 -12.89
CA LEU E 85 17.51 -6.81 -11.89
C LEU E 85 16.01 -7.11 -11.89
N HIS E 86 15.38 -6.96 -13.05
CA HIS E 86 13.94 -7.13 -13.14
C HIS E 86 13.45 -8.57 -13.01
N SER E 87 14.29 -9.54 -13.36
CA SER E 87 13.95 -10.93 -13.14
C SER E 87 13.88 -11.28 -11.64
N VAL E 88 14.68 -10.59 -10.83
CA VAL E 88 14.68 -10.84 -9.38
C VAL E 88 13.62 -10.02 -8.63
N LEU E 89 13.30 -8.83 -9.12
CA LEU E 89 12.36 -7.95 -8.45
C LEU E 89 10.94 -8.16 -8.92
N GLY E 90 10.81 -8.66 -10.14
CA GLY E 90 9.52 -8.68 -10.81
C GLY E 90 9.39 -7.47 -11.72
N THR E 91 8.22 -7.34 -12.35
CA THR E 91 7.95 -6.21 -13.25
C THR E 91 6.78 -5.37 -12.75
N ALA E 92 6.52 -5.50 -11.45
CA ALA E 92 5.43 -4.84 -10.75
C ALA E 92 5.87 -3.42 -10.40
N ASN E 93 5.92 -2.57 -11.43
CA ASN E 93 6.52 -1.24 -11.31
C ASN E 93 5.58 -0.08 -11.64
N ALA E 94 4.28 -0.35 -11.61
CA ALA E 94 3.24 0.68 -11.75
C ALA E 94 3.51 1.93 -10.89
N PRO E 95 3.05 3.11 -11.37
CA PRO E 95 3.18 4.36 -10.63
C PRO E 95 2.56 4.32 -9.24
N LEU E 96 3.02 5.22 -8.39
CA LEU E 96 2.47 5.37 -7.06
C LEU E 96 1.40 6.44 -7.11
N SER E 97 0.27 6.20 -6.43
CA SER E 97 -0.71 7.25 -6.18
C SER E 97 0.00 8.34 -5.41
N ILE E 98 -0.55 9.55 -5.46
CA ILE E 98 0.00 10.67 -4.67
C ILE E 98 0.17 10.23 -3.22
N TYR E 99 -0.87 9.63 -2.64
CA TYR E 99 -0.86 9.14 -1.27
C TYR E 99 0.31 8.18 -1.02
N GLU E 100 0.45 7.19 -1.89
CA GLU E 100 1.52 6.19 -1.78
C GLU E 100 2.89 6.86 -1.77
N ALA E 101 3.11 7.75 -2.73
CA ALA E 101 4.40 8.42 -2.90
C ALA E 101 4.73 9.41 -1.79
N ILE E 102 3.76 9.66 -0.91
CA ILE E 102 3.97 10.56 0.22
C ILE E 102 4.17 9.73 1.50
N LYS E 103 3.22 8.86 1.78
CA LYS E 103 3.22 8.07 3.01
C LYS E 103 4.14 6.85 2.91
N GLY E 104 4.62 6.56 1.71
CA GLY E 104 5.49 5.42 1.47
C GLY E 104 4.69 4.15 1.23
N VAL E 105 5.42 3.04 1.07
CA VAL E 105 4.82 1.73 0.91
C VAL E 105 5.80 0.75 1.58
N ASP E 106 5.34 -0.48 1.78
CA ASP E 106 6.17 -1.59 2.24
C ASP E 106 7.60 -1.47 1.68
N GLY E 107 8.53 -0.99 2.50
CA GLY E 107 9.94 -0.89 2.11
C GLY E 107 10.38 0.44 1.50
N LEU E 108 9.55 1.46 1.60
CA LEU E 108 9.89 2.80 1.18
C LEU E 108 9.38 3.77 2.24
N ASP E 109 10.30 4.43 2.93
CA ASP E 109 9.95 5.39 3.97
C ASP E 109 9.02 6.48 3.46
N ALA E 110 8.27 7.06 4.39
CA ALA E 110 7.44 8.22 4.10
C ALA E 110 8.33 9.40 3.78
N MET E 111 7.86 10.27 2.88
CA MET E 111 8.58 11.51 2.58
C MET E 111 8.84 12.29 3.87
N GLU E 112 9.96 13.02 3.89
CA GLU E 112 10.31 13.86 5.04
C GLU E 112 9.37 15.06 5.14
N PRO E 113 8.73 15.25 6.31
CA PRO E 113 7.76 16.33 6.52
C PRO E 113 8.33 17.76 6.61
N ASP E 114 9.53 17.91 7.19
CA ASP E 114 10.04 19.25 7.49
C ASP E 114 11.46 19.57 6.98
N THR E 115 11.91 18.84 5.97
CA THR E 115 13.21 19.12 5.36
C THR E 115 13.07 20.22 4.30
N ALA E 116 14.19 20.83 3.90
CA ALA E 116 14.20 21.95 2.97
C ALA E 116 13.28 21.72 1.75
N PRO E 117 12.46 22.72 1.39
CA PRO E 117 11.49 22.57 0.30
C PRO E 117 12.07 22.80 -1.10
N GLY E 118 13.25 23.40 -1.19
CA GLY E 118 13.89 23.67 -2.48
C GLY E 118 13.36 24.93 -3.13
N LEU E 119 13.80 25.17 -4.37
CA LEU E 119 13.38 26.36 -5.11
C LEU E 119 12.12 26.13 -5.96
N PRO E 120 11.33 27.20 -6.20
CA PRO E 120 11.57 28.56 -5.73
C PRO E 120 10.92 28.85 -4.36
N TRP E 121 10.41 27.80 -3.72
CA TRP E 121 9.68 27.93 -2.47
C TRP E 121 10.54 28.45 -1.33
N ALA E 122 11.85 28.17 -1.39
CA ALA E 122 12.78 28.60 -0.36
C ALA E 122 12.93 30.11 -0.33
N LEU E 123 12.79 30.74 -1.50
CA LEU E 123 12.89 32.19 -1.61
C LEU E 123 11.60 32.91 -1.17
N GLN E 124 10.49 32.18 -1.17
CA GLN E 124 9.22 32.67 -0.62
C GLN E 124 9.07 32.31 0.85
N GLY E 125 10.13 31.77 1.46
CA GLY E 125 10.11 31.34 2.87
C GLY E 125 9.01 30.38 3.26
N LYS E 126 8.48 29.63 2.29
CA LYS E 126 7.40 28.69 2.59
C LYS E 126 7.95 27.30 2.87
N ARG E 127 7.71 26.84 4.10
CA ARG E 127 8.13 25.51 4.56
C ARG E 127 7.45 24.41 3.75
N ARG E 128 7.96 23.19 3.91
CA ARG E 128 7.47 22.04 3.16
C ARG E 128 6.00 21.74 3.51
N GLY E 129 5.62 22.01 4.75
CA GLY E 129 4.25 21.81 5.22
C GLY E 129 3.23 22.76 4.60
N ALA E 130 3.71 23.89 4.09
CA ALA E 130 2.85 24.88 3.42
C ALA E 130 2.27 24.38 2.09
N LEU E 131 2.86 23.31 1.56
CA LEU E 131 2.52 22.83 0.21
C LEU E 131 1.94 21.43 0.18
N ILE E 132 2.26 20.61 1.18
CA ILE E 132 1.84 19.22 1.19
C ILE E 132 1.25 18.84 2.54
N ASP E 133 0.18 18.04 2.51
CA ASP E 133 -0.39 17.49 3.71
C ASP E 133 0.19 16.09 3.91
N PHE E 134 1.11 16.00 4.87
CA PHE E 134 1.88 14.78 5.12
C PHE E 134 1.17 13.76 6.02
N GLU E 135 0.02 14.14 6.58
CA GLU E 135 -0.81 13.22 7.33
C GLU E 135 -1.78 12.48 6.41
N ASN E 136 -2.47 13.23 5.55
CA ASN E 136 -3.53 12.66 4.71
C ASN E 136 -3.11 12.23 3.29
N GLY E 137 -1.89 12.59 2.89
CA GLY E 137 -1.32 12.16 1.61
C GLY E 137 -1.89 12.87 0.40
N THR E 138 -2.06 14.19 0.52
CA THR E 138 -2.62 15.03 -0.54
C THR E 138 -1.73 16.24 -0.72
N VAL E 139 -1.81 16.86 -1.89
CA VAL E 139 -0.98 18.04 -2.18
C VAL E 139 -1.80 19.32 -2.40
N GLY E 140 -1.19 20.46 -2.05
CA GLY E 140 -1.77 21.78 -2.28
C GLY E 140 -1.69 22.20 -3.74
N PRO E 141 -2.39 23.30 -4.11
CA PRO E 141 -2.57 23.76 -5.49
C PRO E 141 -1.27 24.04 -6.26
N GLU E 142 -0.26 24.56 -5.59
CA GLU E 142 1.04 24.85 -6.22
C GLU E 142 1.76 23.59 -6.69
N VAL E 143 1.58 22.49 -5.96
CA VAL E 143 2.23 21.21 -6.29
C VAL E 143 1.50 20.45 -7.42
N GLU E 144 0.17 20.44 -7.36
CA GLU E 144 -0.69 19.86 -8.41
C GLU E 144 -0.51 20.55 -9.76
N ALA E 145 -0.08 21.80 -9.72
CA ALA E 145 0.13 22.58 -10.92
C ALA E 145 1.42 22.13 -11.59
N ALA E 146 2.45 21.93 -10.78
CA ALA E 146 3.74 21.44 -11.26
C ALA E 146 3.61 19.99 -11.69
N LEU E 147 2.78 19.25 -10.97
CA LEU E 147 2.52 17.85 -11.23
C LEU E 147 1.93 17.69 -12.62
N LYS E 148 0.88 18.45 -12.91
CA LYS E 148 0.27 18.47 -14.24
C LYS E 148 1.21 19.01 -15.32
N LEU E 149 2.16 19.84 -14.91
CA LEU E 149 3.21 20.35 -15.80
C LEU E 149 4.38 19.37 -15.99
N MET E 150 4.37 18.28 -15.23
CA MET E 150 5.37 17.23 -15.35
C MET E 150 4.88 16.10 -16.24
N GLU E 151 3.58 15.80 -16.15
CA GLU E 151 2.94 14.85 -17.06
C GLU E 151 3.12 15.37 -18.49
N LYS E 152 2.85 16.66 -18.67
CA LYS E 152 2.99 17.38 -19.94
C LYS E 152 4.46 17.67 -20.31
N ARG E 153 5.39 17.28 -19.43
CA ARG E 153 6.84 17.36 -19.65
C ARG E 153 7.40 18.78 -19.90
N GLU E 154 6.68 19.78 -19.41
CA GLU E 154 7.08 21.18 -19.57
C GLU E 154 7.89 21.64 -18.34
N TYR E 155 7.72 20.92 -17.24
CA TYR E 155 8.35 21.27 -15.95
C TYR E 155 9.85 21.56 -15.99
N LYS E 156 10.20 22.75 -15.53
CA LYS E 156 11.59 23.18 -15.37
C LYS E 156 11.85 23.30 -13.88
N PHE E 157 13.12 23.45 -13.51
CA PHE E 157 13.50 23.63 -12.11
C PHE E 157 14.98 23.94 -11.98
N ALA E 158 15.33 24.53 -10.85
CA ALA E 158 16.73 24.74 -10.50
C ALA E 158 17.04 24.05 -9.17
N CYS E 159 18.27 23.56 -9.04
CA CYS E 159 18.71 22.92 -7.80
C CYS E 159 19.23 23.99 -6.84
N GLN E 160 19.07 23.75 -5.55
CA GLN E 160 19.54 24.66 -4.52
C GLN E 160 20.80 24.11 -3.85
N THR E 161 21.89 24.86 -3.90
CA THR E 161 23.16 24.42 -3.36
C THR E 161 23.33 24.73 -1.88
N PHE E 162 23.43 23.68 -1.07
CA PHE E 162 23.74 23.79 0.36
C PHE E 162 25.17 23.31 0.60
N LEU E 163 25.89 24.01 1.48
CA LEU E 163 27.19 23.55 1.96
C LEU E 163 26.97 22.55 3.08
N LYS E 164 27.61 21.39 2.99
CA LYS E 164 27.33 20.32 3.94
C LYS E 164 28.04 20.54 5.26
N ASP E 165 27.26 20.77 6.30
CA ASP E 165 27.78 20.95 7.64
C ASP E 165 28.05 19.59 8.29
N GLU E 166 29.31 19.19 8.29
CA GLU E 166 29.73 17.85 8.74
C GLU E 166 31.18 17.84 9.21
N ILE E 167 31.60 16.74 9.81
CA ILE E 167 32.97 16.56 10.25
C ILE E 167 33.83 16.01 9.11
N ARG E 168 35.00 16.62 8.91
CA ARG E 168 35.90 16.17 7.86
C ARG E 168 37.32 16.04 8.41
N PRO E 169 38.15 15.20 7.77
CA PRO E 169 39.57 15.17 8.12
C PRO E 169 40.22 16.52 7.90
N MET E 170 41.02 16.96 8.89
CA MET E 170 41.65 18.28 8.88
C MET E 170 42.40 18.63 7.58
N GLU E 171 43.05 17.64 6.97
CA GLU E 171 43.71 17.88 5.69
C GLU E 171 42.76 18.46 4.65
N LYS E 172 41.52 17.98 4.62
CA LYS E 172 40.54 18.42 3.63
C LYS E 172 39.79 19.67 4.07
N VAL E 173 39.57 19.80 5.38
CA VAL E 173 39.00 21.02 5.95
C VAL E 173 39.86 22.22 5.58
N ARG E 174 41.18 22.09 5.77
CA ARG E 174 42.13 23.14 5.46
C ARG E 174 42.22 23.46 3.97
N ALA E 175 42.04 22.42 3.14
CA ALA E 175 42.11 22.56 1.69
C ALA E 175 40.83 23.16 1.09
N GLY E 176 39.85 23.44 1.96
CA GLY E 176 38.58 24.00 1.55
C GLY E 176 37.67 23.00 0.85
N LYS E 177 37.95 21.70 1.04
CA LYS E 177 37.20 20.65 0.36
C LYS E 177 35.90 20.31 1.07
N THR E 178 35.02 21.31 1.17
CA THR E 178 33.70 21.16 1.75
C THR E 178 32.79 20.53 0.69
N ARG E 179 32.03 19.51 1.09
CA ARG E 179 31.12 18.83 0.18
C ARG E 179 29.83 19.62 0.06
N ILE E 180 29.21 19.56 -1.11
CA ILE E 180 27.96 20.29 -1.32
C ILE E 180 26.75 19.38 -1.56
N VAL E 181 25.60 19.88 -1.12
CA VAL E 181 24.33 19.18 -1.24
C VAL E 181 23.48 19.94 -2.24
N ASP E 182 22.78 19.22 -3.11
CA ASP E 182 21.96 19.86 -4.14
C ASP E 182 20.48 19.53 -3.96
N VAL E 183 19.77 20.44 -3.28
CA VAL E 183 18.35 20.25 -2.96
C VAL E 183 17.46 20.55 -4.16
N LEU E 184 16.77 19.51 -4.62
CA LEU E 184 15.75 19.65 -5.66
C LEU E 184 14.41 20.06 -5.04
N PRO E 185 13.55 20.75 -5.80
CA PRO E 185 12.22 21.13 -5.33
C PRO E 185 11.38 19.92 -4.94
N VAL E 186 10.67 20.05 -3.82
CA VAL E 186 9.93 18.95 -3.21
C VAL E 186 8.88 18.26 -4.10
N GLU E 187 8.43 18.94 -5.16
CA GLU E 187 7.50 18.32 -6.11
C GLU E 187 8.20 17.36 -7.04
N HIS E 188 9.43 17.70 -7.43
CA HIS E 188 10.28 16.79 -8.24
C HIS E 188 10.49 15.48 -7.51
N ILE E 189 10.77 15.58 -6.22
CA ILE E 189 11.02 14.42 -5.38
C ILE E 189 9.77 13.55 -5.32
N LEU E 190 8.61 14.18 -5.13
CA LEU E 190 7.33 13.47 -5.07
C LEU E 190 7.04 12.75 -6.38
N TYR E 191 7.18 13.45 -7.50
CA TYR E 191 6.92 12.85 -8.81
C TYR E 191 7.86 11.69 -9.16
N THR E 192 9.15 11.83 -8.82
CA THR E 192 10.13 10.77 -9.02
C THR E 192 9.68 9.52 -8.27
N ARG E 193 9.28 9.70 -7.01
CA ARG E 193 8.77 8.62 -6.19
C ARG E 193 7.52 8.00 -6.81
N MET E 194 6.63 8.84 -7.34
CA MET E 194 5.47 8.34 -8.08
C MET E 194 5.93 7.44 -9.23
N MET E 195 6.94 7.87 -9.97
CA MET E 195 7.39 7.14 -11.16
C MET E 195 8.21 5.88 -10.88
N ILE E 196 9.05 5.90 -9.84
CA ILE E 196 9.95 4.76 -9.57
C ILE E 196 10.01 4.26 -8.12
N GLY E 197 9.12 4.78 -7.28
CA GLY E 197 8.99 4.33 -5.87
C GLY E 197 8.70 2.85 -5.67
N ARG E 198 7.81 2.29 -6.48
CA ARG E 198 7.47 0.87 -6.35
C ARG E 198 8.65 -0.04 -6.73
N PHE E 199 9.45 0.44 -7.70
CA PHE E 199 10.77 -0.11 -8.00
C PHE E 199 11.73 0.04 -6.81
N CYS E 200 11.83 1.24 -6.30
CA CYS E 200 12.73 1.55 -5.20
C CYS E 200 12.49 0.67 -3.98
N ALA E 201 11.23 0.52 -3.58
CA ALA E 201 10.87 -0.29 -2.40
C ALA E 201 11.25 -1.76 -2.59
N GLN E 202 11.01 -2.25 -3.80
CA GLN E 202 11.38 -3.59 -4.19
C GLN E 202 12.90 -3.78 -4.21
N MET E 203 13.64 -2.76 -4.65
CA MET E 203 15.09 -2.75 -4.54
C MET E 203 15.46 -2.94 -3.10
N HIS E 204 14.90 -2.11 -2.23
CA HIS E 204 15.27 -2.09 -0.81
C HIS E 204 15.11 -3.48 -0.16
N SER E 205 13.94 -4.10 -0.30
CA SER E 205 13.66 -5.39 0.35
C SER E 205 14.40 -6.57 -0.25
N ASN E 206 14.95 -6.37 -1.43
CA ASN E 206 15.73 -7.41 -2.10
C ASN E 206 17.26 -7.17 -2.08
N ASN E 207 17.72 -6.29 -1.20
CA ASN E 207 19.13 -5.98 -1.15
C ASN E 207 20.00 -7.21 -0.97
N GLY E 208 21.13 -7.24 -1.65
CA GLY E 208 22.05 -8.34 -1.57
C GLY E 208 22.93 -8.41 -2.79
N PRO E 209 23.91 -9.33 -2.78
CA PRO E 209 24.85 -9.49 -3.89
C PRO E 209 24.16 -9.82 -5.22
N GLN E 210 23.04 -10.52 -5.16
CA GLN E 210 22.31 -10.93 -6.36
C GLN E 210 21.88 -9.74 -7.24
N ILE E 211 21.33 -8.68 -6.63
CA ILE E 211 21.02 -7.47 -7.39
C ILE E 211 22.18 -6.47 -7.31
N GLY E 212 23.24 -6.85 -6.60
CA GLY E 212 24.41 -6.00 -6.40
C GLY E 212 24.12 -4.67 -5.73
N SER E 213 23.20 -4.68 -4.77
CA SER E 213 22.79 -3.45 -4.08
C SER E 213 22.66 -3.66 -2.56
N ALA E 214 23.26 -2.78 -1.77
CA ALA E 214 23.12 -2.85 -0.32
C ALA E 214 22.16 -1.80 0.25
N VAL E 215 21.57 -0.99 -0.64
CA VAL E 215 20.60 0.01 -0.24
C VAL E 215 19.42 -0.71 0.39
N GLY E 216 19.04 -0.31 1.61
CA GLY E 216 17.98 -0.97 2.36
C GLY E 216 18.44 -1.99 3.42
N CYS E 217 19.73 -2.35 3.39
CA CYS E 217 20.34 -3.28 4.34
C CYS E 217 20.51 -2.68 5.74
N ASN E 218 20.79 -3.57 6.70
CA ASN E 218 21.04 -3.22 8.08
C ASN E 218 22.32 -3.94 8.53
N PRO E 219 23.46 -3.21 8.55
CA PRO E 219 24.77 -3.82 8.76
C PRO E 219 24.84 -4.81 9.93
N ASP E 220 24.20 -4.47 11.04
CA ASP E 220 24.18 -5.32 12.25
C ASP E 220 23.77 -6.75 11.96
N VAL E 221 22.70 -6.91 11.19
CA VAL E 221 22.18 -8.24 10.87
C VAL E 221 22.65 -8.73 9.51
N ASP E 222 22.84 -7.82 8.56
CA ASP E 222 23.20 -8.15 7.19
C ASP E 222 24.68 -8.43 6.98
N TRP E 223 25.51 -8.07 7.95
CA TRP E 223 26.93 -8.39 7.87
C TRP E 223 27.19 -9.89 7.79
N GLN E 224 26.42 -10.67 8.55
CA GLN E 224 26.56 -12.11 8.49
C GLN E 224 26.24 -12.60 7.09
N ARG E 225 25.18 -12.06 6.48
CA ARG E 225 24.79 -12.45 5.13
C ARG E 225 25.91 -12.10 4.13
N PHE E 226 26.32 -10.83 4.11
CA PHE E 226 27.30 -10.38 3.12
C PHE E 226 28.64 -11.08 3.37
N GLY E 227 29.04 -11.13 4.63
CA GLY E 227 30.25 -11.82 5.02
C GLY E 227 30.35 -13.22 4.43
N THR E 228 29.39 -14.09 4.73
CA THR E 228 29.50 -15.48 4.31
C THR E 228 29.55 -15.61 2.79
N HIS E 229 28.84 -14.73 2.09
CA HIS E 229 28.82 -14.77 0.63
C HIS E 229 30.17 -14.46 0.02
N PHE E 230 30.80 -13.36 0.44
CA PHE E 230 32.07 -12.97 -0.16
C PHE E 230 33.22 -13.84 0.32
N ALA E 231 32.99 -14.55 1.41
CA ALA E 231 34.00 -15.44 2.01
C ALA E 231 34.45 -16.54 1.06
N GLN E 232 33.58 -16.90 0.11
CA GLN E 232 33.80 -18.07 -0.73
C GLN E 232 34.39 -17.75 -2.10
N TYR E 233 35.10 -16.63 -2.22
CA TYR E 233 35.71 -16.25 -3.50
C TYR E 233 37.23 -16.07 -3.39
N ARG E 234 37.93 -16.42 -4.45
CA ARG E 234 39.39 -16.38 -4.43
C ARG E 234 39.92 -14.96 -4.33
N ASN E 235 39.21 -14.02 -4.92
CA ASN E 235 39.64 -12.63 -4.95
C ASN E 235 38.54 -11.67 -4.55
N VAL E 236 38.92 -10.63 -3.78
CA VAL E 236 37.99 -9.60 -3.36
C VAL E 236 38.69 -8.25 -3.49
N TRP E 237 37.96 -7.25 -4.01
CA TRP E 237 38.53 -5.93 -4.23
C TRP E 237 37.75 -4.79 -3.55
N ASP E 238 38.49 -3.93 -2.83
CA ASP E 238 37.95 -2.71 -2.24
C ASP E 238 38.28 -1.58 -3.20
N VAL E 239 37.33 -1.20 -4.04
CA VAL E 239 37.58 -0.19 -5.09
C VAL E 239 37.07 1.18 -4.68
N ASP E 240 37.94 2.18 -4.76
CA ASP E 240 37.53 3.56 -4.56
C ASP E 240 37.33 4.24 -5.89
N TYR E 241 36.27 5.02 -5.99
CA TYR E 241 36.16 5.98 -7.07
C TYR E 241 36.58 7.36 -6.54
N SER E 242 36.80 8.28 -7.46
CA SER E 242 37.09 9.66 -7.13
C SER E 242 35.96 10.55 -7.67
N ALA E 243 35.20 11.15 -6.76
CA ALA E 243 34.00 11.89 -7.10
C ALA E 243 33.11 11.12 -8.09
N PHE E 244 32.73 9.91 -7.70
CA PHE E 244 31.85 9.03 -8.47
C PHE E 244 30.61 9.77 -8.98
N ASP E 245 29.95 10.46 -8.06
CA ASP E 245 28.70 11.14 -8.36
C ASP E 245 28.82 12.20 -9.45
N ALA E 246 29.85 13.03 -9.39
CA ALA E 246 29.94 14.15 -10.32
C ALA E 246 30.38 13.68 -11.70
N ASN E 247 31.08 12.55 -11.74
CA ASN E 247 31.71 12.09 -12.96
C ASN E 247 30.83 11.23 -13.85
N HIS E 248 29.62 10.92 -13.40
CA HIS E 248 28.66 10.23 -14.25
C HIS E 248 28.49 11.07 -15.50
N CYS E 249 28.71 10.48 -16.68
CA CYS E 249 28.60 11.25 -17.93
C CYS E 249 27.20 11.22 -18.53
N SER E 250 26.85 12.25 -19.28
CA SER E 250 25.53 12.36 -19.94
C SER E 250 25.13 11.07 -20.62
N ASP E 251 26.04 10.53 -21.43
CA ASP E 251 25.77 9.36 -22.24
C ASP E 251 25.43 8.15 -21.39
N ALA E 252 26.25 7.88 -20.38
CA ALA E 252 26.00 6.75 -19.48
C ALA E 252 24.69 6.94 -18.69
N MET E 253 24.50 8.13 -18.13
CA MET E 253 23.27 8.46 -17.40
C MET E 253 22.08 8.22 -18.30
N ASN E 254 22.09 8.87 -19.47
CA ASN E 254 20.99 8.76 -20.41
C ASN E 254 20.71 7.33 -20.83
N ILE E 255 21.76 6.59 -21.19
CA ILE E 255 21.59 5.21 -21.64
C ILE E 255 21.08 4.32 -20.50
N MET E 256 21.55 4.59 -19.28
CA MET E 256 21.07 3.85 -18.12
C MET E 256 19.57 4.01 -17.92
N PHE E 257 19.07 5.24 -18.03
CA PHE E 257 17.66 5.49 -17.87
C PHE E 257 16.83 4.82 -18.97
N GLU E 258 17.37 4.77 -20.19
CA GLU E 258 16.65 4.21 -21.33
C GLU E 258 16.51 2.70 -21.26
N GLU E 259 17.48 2.01 -20.67
CA GLU E 259 17.46 0.55 -20.63
C GLU E 259 16.81 -0.03 -19.36
N VAL E 260 16.95 0.69 -18.25
CA VAL E 260 16.51 0.18 -16.95
C VAL E 260 15.04 0.49 -16.66
N PHE E 261 14.57 1.66 -17.07
CA PHE E 261 13.21 2.09 -16.76
C PHE E 261 12.23 2.02 -17.95
N ARG E 262 12.34 0.95 -18.74
CA ARG E 262 11.48 0.75 -19.90
C ARG E 262 10.05 0.42 -19.47
N THR E 263 9.09 0.84 -20.29
CA THR E 263 7.68 0.51 -20.10
C THR E 263 7.48 -0.99 -20.13
N GLU E 264 8.26 -1.69 -20.95
CA GLU E 264 8.13 -3.15 -21.00
C GLU E 264 8.42 -3.76 -19.63
N PHE E 265 9.13 -3.02 -18.77
CA PHE E 265 9.37 -3.44 -17.40
C PHE E 265 8.28 -2.92 -16.46
N GLY E 266 7.29 -2.26 -17.05
CA GLY E 266 6.09 -1.85 -16.32
C GLY E 266 6.19 -0.45 -15.76
N PHE E 267 7.15 0.33 -16.25
CA PHE E 267 7.32 1.69 -15.79
C PHE E 267 6.44 2.62 -16.60
N HIS E 268 5.92 3.64 -15.93
CA HIS E 268 5.24 4.74 -16.61
C HIS E 268 6.20 5.36 -17.62
N PRO E 269 5.71 5.76 -18.80
CA PRO E 269 6.58 6.43 -19.78
C PRO E 269 7.42 7.56 -19.16
N ASN E 270 6.82 8.36 -18.29
CA ASN E 270 7.53 9.49 -17.66
C ASN E 270 8.61 9.15 -16.65
N ALA E 271 8.79 7.85 -16.38
CA ALA E 271 9.86 7.41 -15.53
C ALA E 271 11.19 7.78 -16.18
N GLU E 272 11.40 7.31 -17.40
CA GLU E 272 12.56 7.70 -18.19
C GLU E 272 12.74 9.22 -18.19
N TRP E 273 11.64 9.94 -18.46
CA TRP E 273 11.71 11.40 -18.63
C TRP E 273 12.12 12.14 -17.35
N ILE E 274 11.47 11.81 -16.23
CA ILE E 274 11.79 12.49 -14.98
C ILE E 274 13.27 12.35 -14.62
N LEU E 275 13.81 11.14 -14.75
CA LEU E 275 15.21 10.83 -14.43
C LEU E 275 16.22 11.55 -15.33
N LYS E 276 15.85 11.78 -16.58
CA LYS E 276 16.72 12.47 -17.52
C LYS E 276 16.90 13.96 -17.22
N THR E 277 16.02 14.54 -16.40
CA THR E 277 16.16 15.95 -16.02
C THR E 277 17.33 16.17 -15.07
N LEU E 278 17.92 15.09 -14.57
CA LEU E 278 19.06 15.17 -13.68
C LEU E 278 20.36 15.37 -14.43
N VAL E 279 20.31 15.17 -15.75
CA VAL E 279 21.50 15.22 -16.60
C VAL E 279 22.00 16.65 -16.82
N ASN E 280 21.12 17.56 -17.21
CA ASN E 280 21.48 18.96 -17.37
C ASN E 280 20.73 19.81 -16.34
N THR E 281 21.49 20.40 -15.42
CA THR E 281 20.90 21.02 -14.24
C THR E 281 21.36 22.44 -14.01
N GLU E 282 20.47 23.21 -13.40
CA GLU E 282 20.79 24.56 -12.95
C GLU E 282 20.95 24.54 -11.43
N HIS E 283 22.10 25.03 -10.96
CA HIS E 283 22.38 25.11 -9.53
C HIS E 283 22.45 26.55 -9.06
N ALA E 284 21.76 26.84 -7.96
CA ALA E 284 21.72 28.19 -7.39
C ALA E 284 22.61 28.30 -6.16
N TYR E 285 23.52 29.27 -6.17
CA TYR E 285 24.47 29.48 -5.07
C TYR E 285 24.69 30.97 -4.79
N GLU E 286 24.04 31.44 -3.73
CA GLU E 286 23.97 32.85 -3.40
C GLU E 286 23.60 33.66 -4.65
N ASN E 287 24.51 34.50 -5.14
CA ASN E 287 24.24 35.26 -6.35
C ASN E 287 24.39 34.41 -7.63
N LYS E 288 25.40 33.54 -7.66
CA LYS E 288 25.76 32.81 -8.87
C LYS E 288 24.72 31.74 -9.28
N ARG E 289 24.77 31.38 -10.56
CA ARG E 289 23.95 30.33 -11.15
C ARG E 289 24.82 29.52 -12.09
N ILE E 290 24.84 28.20 -11.90
CA ILE E 290 25.73 27.35 -12.68
C ILE E 290 24.91 26.34 -13.49
N THR E 291 25.02 26.42 -14.82
CA THR E 291 24.43 25.40 -15.68
C THR E 291 25.45 24.29 -15.88
N VAL E 292 25.07 23.07 -15.50
CA VAL E 292 25.96 21.91 -15.54
C VAL E 292 25.40 20.82 -16.43
N GLU E 293 26.27 20.25 -17.26
CA GLU E 293 25.94 19.08 -18.07
C GLU E 293 26.65 17.85 -17.48
N GLY E 294 25.85 16.88 -17.04
CA GLY E 294 26.38 15.65 -16.46
C GLY E 294 26.44 15.63 -14.94
N GLY E 295 26.73 14.46 -14.39
CA GLY E 295 26.81 14.28 -12.95
C GLY E 295 25.45 14.04 -12.31
N MET E 296 25.47 13.41 -11.16
CA MET E 296 24.28 13.23 -10.37
C MET E 296 24.14 14.32 -9.32
N PRO E 297 22.95 14.92 -9.18
CA PRO E 297 22.67 15.76 -8.01
C PRO E 297 22.49 14.90 -6.77
N SER E 298 23.15 15.29 -5.67
CA SER E 298 22.95 14.62 -4.38
C SER E 298 21.82 15.31 -3.68
N GLY E 299 20.64 14.69 -3.67
CA GLY E 299 19.46 15.34 -3.11
C GLY E 299 18.21 14.99 -3.88
N CYS E 300 18.42 14.48 -5.09
CA CYS E 300 17.35 13.90 -5.90
C CYS E 300 16.84 12.67 -5.18
N SER E 301 15.55 12.39 -5.32
CA SER E 301 15.02 11.10 -4.87
C SER E 301 15.73 9.98 -5.64
N ALA E 302 15.94 8.83 -5.00
CA ALA E 302 16.57 7.70 -5.69
C ALA E 302 18.06 7.93 -6.08
N THR E 303 18.72 8.91 -5.44
CA THR E 303 20.14 9.16 -5.70
C THR E 303 20.98 7.91 -5.49
N SER E 304 20.80 7.28 -4.34
CA SER E 304 21.58 6.08 -3.98
C SER E 304 21.30 4.90 -4.89
N ILE E 305 20.05 4.78 -5.32
CA ILE E 305 19.64 3.70 -6.20
C ILE E 305 20.22 3.88 -7.59
N ILE E 306 20.21 5.11 -8.08
CA ILE E 306 20.77 5.46 -9.38
C ILE E 306 22.28 5.22 -9.39
N ASN E 307 22.94 5.70 -8.33
CA ASN E 307 24.37 5.48 -8.20
C ASN E 307 24.74 4.01 -8.16
N THR E 308 23.97 3.23 -7.40
CA THR E 308 24.22 1.78 -7.28
C THR E 308 24.01 1.05 -8.60
N ILE E 309 22.93 1.38 -9.30
CA ILE E 309 22.66 0.83 -10.61
C ILE E 309 23.85 1.14 -11.50
N LEU E 310 24.19 2.44 -11.61
CA LEU E 310 25.31 2.88 -12.47
C LEU E 310 26.61 2.15 -12.14
N ASN E 311 26.86 1.96 -10.84
CA ASN E 311 28.01 1.21 -10.38
C ASN E 311 28.00 -0.23 -10.91
N ASN E 312 26.90 -0.94 -10.68
CA ASN E 312 26.74 -2.28 -11.20
C ASN E 312 27.02 -2.35 -12.71
N ILE E 313 26.59 -1.32 -13.44
CA ILE E 313 26.77 -1.28 -14.89
C ILE E 313 28.22 -0.96 -15.27
N TYR E 314 28.87 -0.10 -14.48
CA TYR E 314 30.24 0.32 -14.75
C TYR E 314 31.19 -0.87 -14.71
N VAL E 315 31.01 -1.74 -13.73
CA VAL E 315 31.86 -2.92 -13.55
C VAL E 315 31.72 -3.88 -14.72
N LEU E 316 30.49 -4.10 -15.16
CA LEU E 316 30.24 -4.97 -16.30
C LEU E 316 30.88 -4.37 -17.55
N TYR E 317 30.58 -3.12 -17.84
CA TYR E 317 31.12 -2.43 -18.99
C TYR E 317 32.65 -2.48 -19.01
N ALA E 318 33.26 -2.15 -17.87
CA ALA E 318 34.72 -2.11 -17.78
C ALA E 318 35.36 -3.47 -18.05
N LEU E 319 34.77 -4.52 -17.50
CA LEU E 319 35.30 -5.87 -17.67
C LEU E 319 35.10 -6.38 -19.10
N ARG E 320 33.93 -6.10 -19.68
CA ARG E 320 33.65 -6.50 -21.04
C ARG E 320 34.52 -5.76 -22.07
N ARG E 321 34.94 -4.55 -21.73
CA ARG E 321 35.76 -3.75 -22.63
C ARG E 321 37.18 -4.28 -22.70
N HIS E 322 37.57 -5.06 -21.69
CA HIS E 322 38.91 -5.61 -21.59
C HIS E 322 38.97 -7.11 -21.87
N TYR E 323 37.98 -7.86 -21.39
CA TYR E 323 37.95 -9.31 -21.57
C TYR E 323 36.82 -9.77 -22.48
N GLU E 324 36.88 -11.03 -22.88
CA GLU E 324 35.83 -11.67 -23.67
C GLU E 324 35.10 -12.78 -22.91
N GLY E 325 33.82 -12.96 -23.21
CA GLY E 325 33.00 -13.96 -22.53
C GLY E 325 32.51 -13.56 -21.14
N VAL E 326 32.86 -12.35 -20.69
CA VAL E 326 32.44 -11.84 -19.38
C VAL E 326 30.91 -11.65 -19.28
N GLU E 327 30.29 -12.40 -18.36
CA GLU E 327 28.86 -12.34 -18.11
C GLU E 327 28.58 -12.03 -16.64
N LEU E 328 27.32 -11.73 -16.30
CA LEU E 328 26.98 -11.30 -14.95
C LEU E 328 27.49 -12.18 -13.81
N ASP E 329 27.64 -13.48 -14.03
CA ASP E 329 28.18 -14.32 -12.96
C ASP E 329 29.66 -14.70 -13.13
N THR E 330 30.38 -13.91 -13.93
CA THR E 330 31.84 -14.01 -13.99
C THR E 330 32.38 -13.49 -12.66
N TYR E 331 31.54 -12.72 -11.98
CA TYR E 331 31.93 -12.03 -10.77
C TYR E 331 30.71 -11.80 -9.90
N THR E 332 30.95 -11.20 -8.74
CA THR E 332 29.88 -10.81 -7.86
C THR E 332 30.25 -9.46 -7.25
N MET E 333 29.24 -8.68 -6.89
CA MET E 333 29.47 -7.39 -6.27
C MET E 333 28.26 -6.89 -5.50
N ILE E 334 28.51 -6.00 -4.55
CA ILE E 334 27.43 -5.29 -3.88
C ILE E 334 27.87 -3.85 -3.79
N SER E 335 26.96 -2.92 -4.05
CA SER E 335 27.31 -1.53 -3.86
C SER E 335 26.23 -0.71 -3.15
N TYR E 336 26.66 0.40 -2.58
CA TYR E 336 25.79 1.39 -1.98
C TYR E 336 26.34 2.73 -2.42
N GLY E 337 25.80 3.23 -3.52
CA GLY E 337 26.32 4.43 -4.15
C GLY E 337 27.70 4.15 -4.71
N ASP E 338 28.63 5.04 -4.45
CA ASP E 338 30.01 4.88 -4.90
C ASP E 338 30.68 3.67 -4.24
N ASP E 339 30.25 3.34 -3.02
CA ASP E 339 30.89 2.29 -2.22
C ASP E 339 30.61 0.89 -2.79
N ILE E 340 31.64 0.07 -2.91
CA ILE E 340 31.55 -1.19 -3.64
C ILE E 340 32.46 -2.28 -3.10
N VAL E 341 32.00 -3.52 -3.15
CA VAL E 341 32.86 -4.69 -3.00
C VAL E 341 32.65 -5.58 -4.24
N VAL E 342 33.75 -5.94 -4.90
CA VAL E 342 33.74 -6.87 -6.04
C VAL E 342 34.44 -8.15 -5.62
N ALA E 343 33.97 -9.28 -6.12
CA ALA E 343 34.66 -10.55 -5.91
C ALA E 343 34.53 -11.46 -7.13
N SER E 344 35.37 -12.49 -7.18
CA SER E 344 35.49 -13.38 -8.34
C SER E 344 36.51 -14.48 -8.04
N ASP E 345 36.28 -15.66 -8.60
CA ASP E 345 37.26 -16.74 -8.52
C ASP E 345 38.30 -16.59 -9.62
N TYR E 346 37.88 -15.98 -10.73
CA TYR E 346 38.81 -15.56 -11.78
C TYR E 346 39.78 -14.50 -11.23
N ASP E 347 40.96 -14.42 -11.83
CA ASP E 347 41.97 -13.47 -11.38
C ASP E 347 41.91 -12.19 -12.21
N LEU E 348 40.92 -11.34 -11.93
CA LEU E 348 40.72 -10.14 -12.73
C LEU E 348 41.77 -9.07 -12.42
N ASP E 349 42.23 -8.41 -13.47
CA ASP E 349 43.27 -7.39 -13.35
C ASP E 349 42.66 -6.00 -13.39
N PHE E 350 42.32 -5.50 -12.20
CA PHE E 350 41.73 -4.16 -12.07
C PHE E 350 42.70 -3.06 -12.47
N GLU E 351 43.99 -3.35 -12.37
CA GLU E 351 44.99 -2.37 -12.78
C GLU E 351 44.82 -2.04 -14.26
N ALA E 352 44.59 -3.07 -15.06
CA ALA E 352 44.36 -2.90 -16.50
C ALA E 352 42.98 -2.31 -16.79
N LEU E 353 42.05 -2.45 -15.84
CA LEU E 353 40.71 -1.88 -15.99
C LEU E 353 40.68 -0.36 -15.88
N LYS E 354 41.68 0.24 -15.22
CA LYS E 354 41.71 1.70 -15.03
C LYS E 354 41.18 2.48 -16.23
N PRO E 355 41.83 2.33 -17.41
CA PRO E 355 41.43 3.15 -18.56
C PRO E 355 40.02 2.85 -19.07
N HIS E 356 39.50 1.67 -18.80
CA HIS E 356 38.15 1.32 -19.25
C HIS E 356 37.08 2.07 -18.46
N PHE E 357 37.24 2.13 -17.14
CA PHE E 357 36.47 3.06 -16.33
C PHE E 357 36.67 4.50 -16.79
N LYS E 358 37.89 4.81 -17.24
CA LYS E 358 38.23 6.17 -17.67
C LYS E 358 37.38 6.67 -18.83
N SER E 359 36.92 5.76 -19.69
CA SER E 359 36.04 6.13 -20.81
C SER E 359 34.65 6.62 -20.36
N LEU E 360 34.26 6.25 -19.14
CA LEU E 360 33.04 6.77 -18.52
C LEU E 360 33.36 7.95 -17.61
N GLY E 361 34.59 8.45 -17.71
CA GLY E 361 35.09 9.52 -16.84
C GLY E 361 35.22 9.12 -15.38
N GLN E 362 35.38 7.82 -15.09
CA GLN E 362 35.54 7.37 -13.71
C GLN E 362 36.97 6.91 -13.43
N THR E 363 37.52 7.39 -12.31
CA THR E 363 38.87 7.01 -11.90
C THR E 363 38.81 6.04 -10.74
N ILE E 364 39.15 4.78 -10.98
CA ILE E 364 39.23 3.80 -9.90
C ILE E 364 40.63 3.73 -9.33
N THR E 365 40.71 3.58 -8.01
CA THR E 365 41.97 3.43 -7.29
C THR E 365 41.76 2.39 -6.19
N PRO E 366 42.82 1.66 -5.81
CA PRO E 366 42.61 0.68 -4.75
C PRO E 366 42.34 1.38 -3.43
N ALA E 367 41.40 0.84 -2.66
CA ALA E 367 41.07 1.39 -1.33
C ALA E 367 42.21 1.11 -0.39
N ASP E 368 42.67 -0.15 -0.44
CA ASP E 368 43.80 -0.65 0.34
C ASP E 368 45.04 0.24 0.23
N LYS E 369 45.29 0.98 1.31
CA LYS E 369 46.49 1.82 1.47
C LYS E 369 46.57 3.02 0.51
N SER E 370 45.85 2.93 -0.60
CA SER E 370 46.21 3.65 -1.83
C SER E 370 47.61 3.17 -2.25
N ASP E 371 47.85 1.88 -2.01
CA ASP E 371 49.08 1.20 -2.38
C ASP E 371 49.22 1.22 -3.89
N LYS E 372 50.45 1.40 -4.36
CA LYS E 372 50.72 1.39 -5.80
C LYS E 372 50.25 0.07 -6.45
N GLY E 373 49.00 0.08 -6.91
CA GLY E 373 48.43 -1.01 -7.69
C GLY E 373 47.40 -1.88 -7.02
N PHE E 374 46.41 -2.32 -7.79
CA PHE E 374 45.44 -3.33 -7.35
C PHE E 374 46.15 -4.69 -7.26
N VAL E 375 46.11 -5.30 -6.08
CA VAL E 375 46.69 -6.63 -5.87
C VAL E 375 45.62 -7.71 -5.90
N LEU E 376 46.05 -8.97 -6.07
CA LEU E 376 45.14 -10.10 -5.99
C LEU E 376 45.32 -10.79 -4.64
N GLY E 377 44.41 -11.73 -4.31
CA GLY E 377 44.55 -12.56 -3.13
C GLY E 377 43.88 -12.04 -1.87
N HIS E 378 43.30 -10.83 -1.93
CA HIS E 378 42.59 -10.25 -0.78
C HIS E 378 41.29 -11.01 -0.44
N SER E 379 40.91 -10.96 0.83
CA SER E 379 39.65 -11.54 1.30
C SER E 379 38.72 -10.48 1.89
N ILE E 380 37.52 -10.91 2.29
CA ILE E 380 36.52 -10.01 2.85
C ILE E 380 36.93 -9.36 4.19
N THR E 381 37.76 -10.05 4.96
CA THR E 381 38.25 -9.51 6.23
C THR E 381 39.30 -8.42 6.01
N ASP E 382 39.72 -8.23 4.76
CA ASP E 382 40.63 -7.16 4.39
C ASP E 382 39.91 -5.85 3.98
N VAL E 383 38.64 -5.95 3.60
CA VAL E 383 37.95 -4.80 2.97
C VAL E 383 37.03 -3.97 3.89
N THR E 384 36.58 -2.84 3.36
CA THR E 384 35.66 -1.95 4.03
C THR E 384 34.44 -1.71 3.14
N PHE E 385 33.28 -1.74 3.77
CA PHE E 385 32.05 -1.35 3.14
C PHE E 385 31.30 -0.50 4.15
N LEU E 386 30.72 0.61 3.70
CA LEU E 386 29.99 1.52 4.57
C LEU E 386 30.77 1.89 5.86
N LYS E 387 32.07 2.13 5.71
CA LYS E 387 33.01 2.39 6.83
C LYS E 387 33.07 1.29 7.89
N ARG E 388 32.70 0.08 7.51
CA ARG E 388 32.73 -1.05 8.44
C ARG E 388 33.59 -2.18 7.90
N HIS E 389 34.36 -2.78 8.78
CA HIS E 389 35.09 -4.00 8.45
C HIS E 389 34.18 -5.18 8.65
N PHE E 390 34.57 -6.31 8.05
CA PHE E 390 33.92 -7.59 8.29
C PHE E 390 34.79 -8.38 9.24
N HIS E 391 34.40 -8.43 10.51
CA HIS E 391 35.13 -9.24 11.48
C HIS E 391 34.25 -10.34 12.05
N MET E 392 34.89 -11.46 12.33
CA MET E 392 34.24 -12.61 12.93
C MET E 392 33.98 -12.30 14.41
N ASP E 393 32.75 -12.42 14.87
CA ASP E 393 32.44 -12.28 16.30
C ASP E 393 32.88 -13.52 17.05
N TYR E 394 33.91 -13.33 17.87
CA TYR E 394 34.60 -14.40 18.60
C TYR E 394 33.71 -15.41 19.35
N GLY E 395 32.42 -15.10 19.49
CA GLY E 395 31.52 -15.90 20.32
C GLY E 395 30.16 -16.30 19.77
N THR E 396 29.82 -15.81 18.59
CA THR E 396 28.65 -16.33 17.84
C THR E 396 29.11 -16.88 16.51
N GLY E 397 30.39 -16.65 16.18
CA GLY E 397 30.92 -17.01 14.89
C GLY E 397 30.49 -16.08 13.75
N PHE E 398 29.44 -15.29 13.97
CA PHE E 398 28.90 -14.36 12.97
C PHE E 398 29.83 -13.20 12.64
N TYR E 399 29.79 -12.74 11.39
CA TYR E 399 30.48 -11.51 11.02
C TYR E 399 29.82 -10.30 11.69
N LYS E 400 30.63 -9.34 12.11
CA LYS E 400 30.10 -8.11 12.72
C LYS E 400 30.70 -6.86 12.08
N PRO E 401 29.92 -5.76 11.97
CA PRO E 401 30.42 -4.54 11.34
C PRO E 401 31.27 -3.68 12.28
N VAL E 402 32.59 -3.75 12.11
CA VAL E 402 33.52 -3.06 13.00
C VAL E 402 34.02 -1.74 12.39
N MET E 403 33.88 -0.65 13.13
CA MET E 403 34.34 0.65 12.68
C MET E 403 35.72 0.94 13.26
N ALA E 404 36.54 1.65 12.48
CA ALA E 404 37.86 2.02 12.93
C ALA E 404 37.73 2.91 14.15
N SER E 405 38.60 2.66 15.14
CA SER E 405 38.56 3.40 16.40
C SER E 405 38.76 4.88 16.17
N LYS E 406 39.67 5.25 15.27
CA LYS E 406 39.92 6.67 14.97
C LYS E 406 38.66 7.36 14.45
N THR E 407 37.91 6.64 13.64
CA THR E 407 36.64 7.12 13.11
C THR E 407 35.62 7.35 14.23
N LEU E 408 35.48 6.37 15.11
CA LEU E 408 34.57 6.49 16.26
C LEU E 408 34.91 7.67 17.16
N GLU E 409 36.20 7.88 17.39
CA GLU E 409 36.69 9.01 18.19
C GLU E 409 36.30 10.34 17.56
N ALA E 410 36.59 10.48 16.27
CA ALA E 410 36.13 11.62 15.49
C ALA E 410 34.65 11.90 15.71
N ILE E 411 33.81 10.90 15.47
CA ILE E 411 32.35 10.99 15.67
C ILE E 411 31.95 11.48 17.06
N LEU E 412 32.58 10.91 18.09
CA LEU E 412 32.23 11.21 19.48
C LEU E 412 32.73 12.57 19.95
N SER E 413 33.60 13.20 19.16
CA SER E 413 34.28 14.44 19.56
C SER E 413 33.52 15.74 19.22
N PHE E 414 32.44 15.62 18.44
CA PHE E 414 31.65 16.79 18.04
C PHE E 414 30.18 16.46 18.05
N ALA E 415 29.36 17.40 18.50
CA ALA E 415 27.90 17.24 18.53
C ALA E 415 27.18 18.57 18.50
N ARG E 416 25.94 18.55 18.00
CA ARG E 416 25.07 19.72 18.03
C ARG E 416 24.49 19.95 19.42
N ARG E 417 24.44 21.23 19.84
CA ARG E 417 23.86 21.64 21.12
C ARG E 417 22.64 20.83 21.49
N GLY E 418 22.67 20.27 22.70
CA GLY E 418 21.56 19.51 23.27
C GLY E 418 21.23 18.19 22.59
N THR E 419 22.17 17.66 21.79
CA THR E 419 21.97 16.36 21.11
C THR E 419 22.95 15.27 21.60
N ILE E 420 23.76 15.59 22.59
CA ILE E 420 24.84 14.70 23.04
C ILE E 420 24.35 13.35 23.59
N GLN E 421 23.44 13.36 24.56
CA GLN E 421 22.94 12.13 25.15
C GLN E 421 22.40 11.22 24.05
N GLU E 422 21.41 11.71 23.31
CA GLU E 422 20.80 11.04 22.16
C GLU E 422 21.89 10.42 21.29
N LYS E 423 22.88 11.22 20.92
CA LYS E 423 23.96 10.79 20.00
C LYS E 423 24.81 9.69 20.60
N LEU E 424 25.06 9.77 21.90
CA LEU E 424 25.89 8.77 22.56
C LEU E 424 25.26 7.40 22.54
N ILE E 425 23.93 7.35 22.66
CA ILE E 425 23.20 6.09 22.61
C ILE E 425 23.29 5.49 21.22
N SER E 426 23.15 6.34 20.19
CA SER E 426 23.23 5.89 18.80
C SER E 426 24.58 5.30 18.48
N VAL E 427 25.63 6.09 18.74
CA VAL E 427 27.00 5.70 18.44
C VAL E 427 27.37 4.43 19.21
N ALA E 428 26.71 4.19 20.34
CA ALA E 428 26.98 3.01 21.14
C ALA E 428 26.68 1.71 20.36
N GLY E 429 25.55 1.68 19.65
CA GLY E 429 25.22 0.57 18.78
C GLY E 429 26.25 0.29 17.70
N LEU E 430 27.06 1.29 17.37
CA LEU E 430 28.15 1.13 16.38
C LEU E 430 29.45 0.69 17.04
N ALA E 431 29.66 1.10 18.28
CA ALA E 431 30.92 0.87 18.97
C ALA E 431 30.99 -0.50 19.65
N VAL E 432 29.83 -1.02 20.08
CA VAL E 432 29.75 -2.37 20.68
C VAL E 432 30.60 -3.42 19.91
N HIS E 433 30.60 -3.33 18.60
CA HIS E 433 31.29 -4.30 17.76
C HIS E 433 32.83 -4.19 17.82
N SER E 434 33.34 -3.13 18.43
CA SER E 434 34.79 -2.95 18.63
C SER E 434 35.34 -3.79 19.80
N GLY E 435 34.47 -4.46 20.54
CA GLY E 435 34.88 -5.23 21.72
C GLY E 435 34.86 -4.44 23.02
N PRO E 436 34.74 -5.15 24.16
CA PRO E 436 34.52 -4.58 25.50
C PRO E 436 35.56 -3.54 25.91
N ASP E 437 36.83 -3.83 25.69
CA ASP E 437 37.89 -2.94 26.12
C ASP E 437 37.80 -1.62 25.38
N GLU E 438 37.61 -1.71 24.07
CA GLU E 438 37.58 -0.54 23.20
C GLU E 438 36.27 0.23 23.37
N TYR E 439 35.18 -0.46 23.70
CA TYR E 439 33.92 0.19 24.02
C TYR E 439 34.03 1.06 25.29
N ARG E 440 34.75 0.53 26.28
CA ARG E 440 34.97 1.22 27.55
C ARG E 440 35.82 2.48 27.36
N ARG E 441 36.90 2.34 26.60
CA ARG E 441 37.84 3.43 26.35
C ARG E 441 37.18 4.58 25.60
N LEU E 442 36.32 4.24 24.64
CA LEU E 442 35.71 5.24 23.80
C LEU E 442 34.76 6.16 24.55
N PHE E 443 34.04 5.61 25.53
CA PHE E 443 32.97 6.33 26.22
C PHE E 443 33.39 6.89 27.56
N GLU E 444 34.62 6.56 27.96
CA GLU E 444 35.13 6.95 29.28
C GLU E 444 35.19 8.47 29.51
N PRO E 445 35.41 9.27 28.44
CA PRO E 445 35.31 10.71 28.62
C PRO E 445 33.91 11.18 29.03
N PHE E 446 32.90 10.37 28.73
CA PHE E 446 31.52 10.75 29.01
C PHE E 446 31.02 10.20 30.33
N GLN E 447 31.86 9.43 31.01
CA GLN E 447 31.49 8.82 32.28
C GLN E 447 31.10 9.86 33.34
N GLY E 448 29.99 9.63 34.03
CA GLY E 448 29.57 10.51 35.11
C GLY E 448 28.77 11.74 34.68
N LEU E 449 28.67 11.96 33.37
CA LEU E 449 27.97 13.13 32.83
C LEU E 449 26.77 12.73 32.01
N PHE E 450 26.90 11.60 31.31
CA PHE E 450 25.79 11.07 30.51
C PHE E 450 25.54 9.61 30.82
N GLU E 451 24.38 9.13 30.39
CA GLU E 451 24.06 7.72 30.49
C GLU E 451 24.81 6.97 29.40
N ILE E 452 25.71 6.07 29.80
CA ILE E 452 26.38 5.18 28.83
C ILE E 452 25.80 3.77 28.88
N PRO E 453 25.21 3.30 27.77
CA PRO E 453 24.68 1.93 27.71
C PRO E 453 25.80 0.94 27.98
N SER E 454 25.49 -0.11 28.73
CA SER E 454 26.47 -1.14 29.06
C SER E 454 26.85 -1.88 27.80
N TYR E 455 28.07 -2.41 27.77
CA TYR E 455 28.52 -3.26 26.66
C TYR E 455 27.60 -4.47 26.55
N ARG E 456 27.35 -5.12 27.68
CA ARG E 456 26.56 -6.31 27.75
C ARG E 456 25.17 -6.10 27.16
N SER E 457 24.48 -5.05 27.62
CA SER E 457 23.12 -4.76 27.12
C SER E 457 23.04 -4.65 25.62
N LEU E 458 24.09 -4.13 24.98
CA LEU E 458 24.13 -3.93 23.52
C LEU E 458 24.67 -5.11 22.70
N TYR E 459 25.58 -5.89 23.28
CA TYR E 459 25.94 -7.17 22.69
C TYR E 459 24.72 -8.10 22.64
N LEU E 460 24.02 -8.23 23.77
CA LEU E 460 22.80 -9.03 23.82
C LEU E 460 21.76 -8.59 22.82
N ARG E 461 21.61 -7.28 22.62
CA ARG E 461 20.66 -6.78 21.63
C ARG E 461 21.08 -7.26 20.24
N TRP E 462 22.39 -7.20 19.96
CA TRP E 462 22.89 -7.52 18.63
C TRP E 462 22.69 -8.99 18.30
N VAL E 463 23.06 -9.85 19.25
CA VAL E 463 22.92 -11.30 19.08
C VAL E 463 21.48 -11.71 18.72
N ASN E 464 20.50 -11.13 19.40
CA ASN E 464 19.10 -11.39 19.06
C ASN E 464 18.74 -10.93 17.64
N ALA E 465 19.18 -9.72 17.29
CA ALA E 465 18.94 -9.14 15.97
C ALA E 465 19.52 -10.00 14.82
N VAL E 466 20.73 -10.50 15.02
CA VAL E 466 21.42 -11.24 13.98
C VAL E 466 20.88 -12.67 13.85
N CYS E 467 20.38 -13.23 14.96
CA CYS E 467 19.81 -14.57 14.95
C CYS E 467 18.92 -14.76 16.17
N GLY E 468 17.61 -14.86 15.93
CA GLY E 468 16.62 -15.09 17.01
C GLY E 468 16.83 -16.36 17.83
N ASP E 469 17.66 -17.27 17.32
CA ASP E 469 17.89 -18.60 17.92
C ASP E 469 18.95 -18.59 19.04
N ALA E 470 20.22 -18.47 18.65
CA ALA E 470 21.37 -18.51 19.59
C ALA E 470 21.35 -17.37 20.61
N GLY F 1 -36.97 -0.60 -6.99
CA GLY F 1 -36.85 0.56 -7.90
C GLY F 1 -38.12 0.82 -8.69
N LEU F 2 -37.99 1.61 -9.76
CA LEU F 2 -39.10 1.91 -10.66
C LEU F 2 -38.73 1.56 -12.09
N ILE F 3 -39.49 0.67 -12.71
CA ILE F 3 -39.28 0.31 -14.12
C ILE F 3 -39.93 1.36 -15.01
N VAL F 4 -39.10 2.06 -15.80
CA VAL F 4 -39.61 3.15 -16.65
C VAL F 4 -39.74 2.79 -18.13
N ASP F 5 -38.99 1.78 -18.58
CA ASP F 5 -38.97 1.39 -19.99
C ASP F 5 -38.58 -0.08 -20.18
N THR F 6 -39.40 -0.82 -20.93
CA THR F 6 -39.11 -2.23 -21.23
C THR F 6 -39.21 -2.48 -22.73
N ARG F 7 -38.07 -2.78 -23.36
CA ARG F 7 -37.98 -2.94 -24.82
C ARG F 7 -37.25 -4.22 -25.23
N ASP F 8 -37.58 -4.75 -26.40
CA ASP F 8 -36.99 -5.99 -26.90
C ASP F 8 -35.98 -5.72 -28.02
N VAL F 9 -34.73 -6.12 -27.80
CA VAL F 9 -33.68 -6.01 -28.81
C VAL F 9 -33.20 -7.41 -29.27
N GLU F 10 -32.67 -7.48 -30.49
CA GLU F 10 -32.21 -8.75 -31.09
C GLU F 10 -30.96 -9.32 -30.41
N GLU F 11 -30.05 -8.44 -30.00
CA GLU F 11 -28.83 -8.84 -29.30
C GLU F 11 -29.14 -9.51 -27.95
N ARG F 12 -29.10 -10.85 -27.93
CA ARG F 12 -29.53 -11.62 -26.76
C ARG F 12 -28.37 -11.86 -25.76
N VAL F 13 -28.72 -11.88 -24.46
CA VAL F 13 -27.77 -12.17 -23.38
C VAL F 13 -28.15 -13.48 -22.68
N HIS F 14 -27.50 -14.58 -23.09
CA HIS F 14 -27.85 -15.91 -22.58
C HIS F 14 -27.32 -16.22 -21.17
N VAL F 15 -28.24 -16.58 -20.29
CA VAL F 15 -27.95 -16.93 -18.89
C VAL F 15 -28.66 -18.23 -18.47
N MET F 16 -29.64 -18.67 -19.29
CA MET F 16 -30.57 -19.81 -19.00
C MET F 16 -30.18 -20.70 -17.81
N ARG F 17 -29.42 -21.74 -18.12
CA ARG F 17 -28.81 -22.67 -17.15
C ARG F 17 -29.75 -23.57 -16.33
N LYS F 18 -29.31 -24.83 -16.25
CA LYS F 18 -29.78 -25.76 -15.24
C LYS F 18 -28.95 -25.46 -14.00
N THR F 19 -29.35 -25.98 -12.90
CA THR F 19 -28.63 -25.78 -11.63
C THR F 19 -27.32 -26.57 -11.54
N LYS F 20 -26.36 -26.04 -10.77
CA LYS F 20 -25.11 -26.73 -10.50
C LYS F 20 -25.11 -27.43 -9.14
N LEU F 21 -26.24 -27.32 -8.43
CA LEU F 21 -26.36 -27.87 -7.09
C LEU F 21 -27.02 -29.23 -7.12
N ALA F 22 -26.24 -30.26 -6.85
CA ALA F 22 -26.74 -31.63 -6.76
C ALA F 22 -26.99 -32.00 -5.31
N PRO F 23 -28.01 -32.84 -5.03
CA PRO F 23 -28.25 -33.33 -3.67
C PRO F 23 -27.09 -34.17 -3.12
N THR F 24 -26.92 -34.17 -1.81
CA THR F 24 -25.86 -34.94 -1.15
C THR F 24 -26.44 -36.17 -0.47
N VAL F 25 -25.57 -37.04 0.00
CA VAL F 25 -25.95 -38.22 0.77
C VAL F 25 -26.80 -37.85 2.00
N ALA F 26 -26.80 -36.56 2.36
CA ALA F 26 -27.56 -36.07 3.51
C ALA F 26 -29.02 -35.68 3.18
N HIS F 27 -29.31 -35.38 1.91
CA HIS F 27 -30.66 -34.94 1.52
C HIS F 27 -31.67 -36.07 1.72
N GLY F 28 -31.25 -37.29 1.42
CA GLY F 28 -32.08 -38.47 1.70
C GLY F 28 -32.33 -38.64 3.20
N VAL F 29 -31.60 -37.88 4.02
CA VAL F 29 -31.66 -38.04 5.47
C VAL F 29 -32.29 -36.84 6.16
N PHE F 30 -32.00 -35.63 5.70
CA PHE F 30 -32.50 -34.43 6.37
C PHE F 30 -33.85 -33.95 5.85
N ASN F 31 -34.15 -34.32 4.59
CA ASN F 31 -35.38 -33.91 3.92
C ASN F 31 -35.73 -32.46 4.21
N PRO F 32 -34.85 -31.52 3.79
CA PRO F 32 -35.01 -30.11 4.13
C PRO F 32 -36.10 -29.43 3.32
N GLU F 33 -36.85 -28.55 3.95
CA GLU F 33 -37.82 -27.72 3.25
C GLU F 33 -37.11 -26.69 2.36
N PHE F 34 -36.06 -27.16 1.67
CA PHE F 34 -35.17 -26.33 0.87
C PHE F 34 -34.77 -27.03 -0.42
N GLY F 35 -34.45 -26.23 -1.44
CA GLY F 35 -34.02 -26.75 -2.73
C GLY F 35 -33.47 -25.64 -3.60
N PRO F 36 -32.86 -25.97 -4.74
CA PRO F 36 -32.29 -24.94 -5.59
C PRO F 36 -33.38 -24.13 -6.28
N ALA F 37 -33.14 -22.83 -6.44
CA ALA F 37 -34.09 -21.92 -7.08
C ALA F 37 -34.30 -22.32 -8.53
N ALA F 38 -35.50 -22.05 -9.04
CA ALA F 38 -35.83 -22.36 -10.44
C ALA F 38 -35.16 -21.38 -11.38
N LEU F 39 -34.48 -21.91 -12.39
CA LEU F 39 -33.69 -21.09 -13.31
C LEU F 39 -34.19 -21.15 -14.76
N SER F 40 -35.18 -22.01 -15.03
CA SER F 40 -35.86 -22.00 -16.31
C SER F 40 -37.36 -21.82 -16.11
N ASN F 41 -38.01 -21.17 -17.07
CA ASN F 41 -39.43 -20.85 -16.98
C ASN F 41 -40.37 -22.06 -17.11
N LYS F 42 -39.81 -23.17 -17.59
CA LYS F 42 -40.53 -24.46 -17.68
C LYS F 42 -40.09 -25.43 -16.58
N ASP F 43 -39.91 -24.90 -15.37
CA ASP F 43 -39.50 -25.73 -14.25
C ASP F 43 -40.74 -26.46 -13.72
N PRO F 44 -40.65 -27.80 -13.61
CA PRO F 44 -41.78 -28.60 -13.11
C PRO F 44 -42.09 -28.31 -11.65
N ARG F 45 -41.11 -27.78 -10.93
CA ARG F 45 -41.27 -27.51 -9.51
C ARG F 45 -42.04 -26.21 -9.27
N LEU F 46 -42.17 -25.38 -10.30
CA LEU F 46 -42.92 -24.13 -10.21
C LEU F 46 -44.41 -24.35 -9.97
N ASN F 47 -45.03 -23.34 -9.35
CA ASN F 47 -46.48 -23.32 -9.16
C ASN F 47 -47.25 -23.08 -10.46
N GLU F 48 -48.56 -23.30 -10.40
CA GLU F 48 -49.49 -22.91 -11.47
C GLU F 48 -49.86 -21.43 -11.30
N GLY F 49 -49.71 -20.67 -12.38
CA GLY F 49 -49.90 -19.22 -12.37
C GLY F 49 -48.66 -18.50 -11.88
N VAL F 50 -47.50 -18.92 -12.37
CA VAL F 50 -46.21 -18.31 -12.04
C VAL F 50 -45.29 -18.29 -13.26
N VAL F 51 -44.80 -17.11 -13.61
CA VAL F 51 -43.77 -16.96 -14.65
C VAL F 51 -42.51 -16.45 -13.98
N LEU F 52 -41.36 -16.95 -14.43
CA LEU F 52 -40.09 -16.58 -13.84
C LEU F 52 -39.80 -15.09 -14.05
N ASP F 53 -39.78 -14.66 -15.31
CA ASP F 53 -39.44 -13.28 -15.68
C ASP F 53 -40.33 -12.18 -15.06
N GLU F 54 -41.54 -12.54 -14.66
CA GLU F 54 -42.43 -11.59 -13.99
C GLU F 54 -42.10 -11.46 -12.49
N VAL F 55 -41.77 -12.59 -11.84
CA VAL F 55 -41.49 -12.60 -10.41
C VAL F 55 -40.07 -12.10 -10.15
N ILE F 56 -39.19 -12.37 -11.11
CA ILE F 56 -37.82 -11.92 -11.07
C ILE F 56 -37.76 -10.41 -10.86
N PHE F 57 -38.52 -9.68 -11.65
CA PHE F 57 -38.49 -8.21 -11.62
C PHE F 57 -39.63 -7.60 -10.79
N SER F 58 -40.39 -8.46 -10.12
CA SER F 58 -41.54 -8.02 -9.32
C SER F 58 -41.13 -7.26 -8.06
N LYS F 59 -39.82 -7.09 -7.87
CA LYS F 59 -39.34 -6.37 -6.70
C LYS F 59 -39.36 -4.87 -6.94
N HIS F 60 -39.32 -4.47 -8.21
CA HIS F 60 -39.37 -3.05 -8.58
C HIS F 60 -40.80 -2.51 -8.53
N LYS F 61 -41.17 -1.99 -7.36
CA LYS F 61 -42.52 -1.54 -7.11
C LYS F 61 -42.59 0.00 -6.97
N GLY F 62 -41.67 0.71 -7.62
CA GLY F 62 -41.66 2.17 -7.60
C GLY F 62 -40.52 2.84 -6.85
N ASP F 63 -40.11 4.00 -7.34
CA ASP F 63 -39.10 4.83 -6.70
C ASP F 63 -39.77 5.88 -5.82
N THR F 64 -39.81 5.65 -4.51
CA THR F 64 -40.44 6.60 -3.59
C THR F 64 -39.82 8.00 -3.61
N LYS F 65 -40.61 8.99 -4.04
CA LYS F 65 -40.14 10.38 -4.05
C LYS F 65 -40.34 11.06 -2.69
N MET F 66 -39.41 11.94 -2.33
CA MET F 66 -39.40 12.57 -1.02
C MET F 66 -39.68 14.07 -1.07
N SER F 67 -40.35 14.56 -0.04
CA SER F 67 -40.64 16.00 0.09
C SER F 67 -39.38 16.81 0.41
N ALA F 68 -39.46 18.14 0.22
CA ALA F 68 -38.37 19.05 0.54
C ALA F 68 -38.01 18.98 2.03
N GLU F 69 -39.04 18.90 2.87
CA GLU F 69 -38.88 18.74 4.31
C GLU F 69 -38.15 17.44 4.64
N ASP F 70 -38.57 16.34 4.02
CA ASP F 70 -37.99 15.02 4.28
C ASP F 70 -36.58 14.90 3.69
N LYS F 71 -36.38 15.48 2.52
CA LYS F 71 -35.07 15.48 1.89
C LYS F 71 -34.05 16.21 2.76
N ALA F 72 -34.43 17.39 3.24
CA ALA F 72 -33.55 18.16 4.11
C ALA F 72 -33.27 17.45 5.45
N LEU F 73 -34.23 16.71 5.98
CA LEU F 73 -33.98 15.92 7.20
C LEU F 73 -33.08 14.71 6.94
N PHE F 74 -33.22 14.05 5.79
CA PHE F 74 -32.31 12.97 5.45
C PHE F 74 -30.89 13.53 5.31
N ARG F 75 -30.78 14.74 4.77
CA ARG F 75 -29.48 15.34 4.50
C ARG F 75 -28.73 15.65 5.79
N ARG F 76 -29.47 16.10 6.81
CA ARG F 76 -28.92 16.32 8.14
C ARG F 76 -28.47 15.02 8.77
N CYS F 77 -29.27 13.97 8.61
CA CYS F 77 -28.93 12.65 9.14
C CYS F 77 -27.72 12.04 8.47
N ALA F 78 -27.59 12.29 7.17
CA ALA F 78 -26.48 11.79 6.41
C ALA F 78 -25.23 12.56 6.81
N ALA F 79 -25.40 13.85 7.09
CA ALA F 79 -24.27 14.68 7.47
C ALA F 79 -23.83 14.27 8.86
N ASP F 80 -24.80 14.08 9.74
CA ASP F 80 -24.51 13.72 11.13
C ASP F 80 -23.82 12.36 11.25
N TYR F 81 -24.26 11.39 10.44
CA TYR F 81 -23.62 10.08 10.40
C TYR F 81 -22.23 10.13 9.78
N ALA F 82 -22.12 10.83 8.66
CA ALA F 82 -20.82 11.05 8.02
C ALA F 82 -19.84 11.65 9.02
N SER F 83 -20.29 12.66 9.77
CA SER F 83 -19.47 13.28 10.80
C SER F 83 -18.87 12.25 11.77
N ARG F 84 -19.71 11.36 12.29
CA ARG F 84 -19.29 10.29 13.19
C ARG F 84 -18.39 9.29 12.49
N LEU F 85 -18.75 8.93 11.27
CA LEU F 85 -18.01 7.98 10.47
C LEU F 85 -16.57 8.46 10.25
N HIS F 86 -16.44 9.65 9.68
CA HIS F 86 -15.13 10.17 9.31
C HIS F 86 -14.26 10.59 10.51
N SER F 87 -14.89 10.95 11.63
CA SER F 87 -14.12 11.23 12.84
C SER F 87 -13.46 9.97 13.40
N VAL F 88 -14.05 8.80 13.12
CA VAL F 88 -13.50 7.53 13.60
C VAL F 88 -12.50 6.91 12.62
N LEU F 89 -12.71 7.11 11.32
CA LEU F 89 -11.85 6.53 10.29
C LEU F 89 -10.70 7.43 9.93
N GLY F 90 -10.89 8.72 10.14
CA GLY F 90 -9.95 9.71 9.62
C GLY F 90 -10.48 10.27 8.31
N THR F 91 -9.69 11.13 7.68
CA THR F 91 -10.10 11.75 6.42
C THR F 91 -9.08 11.43 5.33
N ALA F 92 -8.36 10.32 5.55
CA ALA F 92 -7.32 9.84 4.65
C ALA F 92 -7.97 9.00 3.55
N ASN F 93 -8.60 9.71 2.62
CA ASN F 93 -9.46 9.08 1.62
C ASN F 93 -9.09 9.34 0.16
N ALA F 94 -7.83 9.73 -0.05
CA ALA F 94 -7.24 9.85 -1.40
C ALA F 94 -7.51 8.65 -2.31
N PRO F 95 -7.57 8.89 -3.63
CA PRO F 95 -7.78 7.83 -4.61
C PRO F 95 -6.73 6.74 -4.56
N LEU F 96 -7.08 5.58 -5.09
CA LEU F 96 -6.15 4.48 -5.21
C LEU F 96 -5.51 4.54 -6.59
N SER F 97 -4.21 4.30 -6.65
CA SER F 97 -3.53 4.08 -7.92
C SER F 97 -4.19 2.87 -8.58
N ILE F 98 -4.03 2.74 -9.90
CA ILE F 98 -4.57 1.56 -10.60
C ILE F 98 -4.12 0.30 -9.84
N TYR F 99 -2.81 0.21 -9.57
CA TYR F 99 -2.21 -0.93 -8.91
C TYR F 99 -2.90 -1.24 -7.59
N GLU F 100 -3.04 -0.22 -6.74
CA GLU F 100 -3.68 -0.35 -5.45
C GLU F 100 -5.09 -0.90 -5.59
N ALA F 101 -5.87 -0.32 -6.50
CA ALA F 101 -7.26 -0.69 -6.68
C ALA F 101 -7.45 -2.08 -7.30
N ILE F 102 -6.36 -2.69 -7.75
CA ILE F 102 -6.39 -4.04 -8.32
C ILE F 102 -5.91 -5.05 -7.28
N LYS F 103 -4.71 -4.82 -6.76
CA LYS F 103 -4.06 -5.72 -5.81
C LYS F 103 -4.61 -5.57 -4.40
N GLY F 104 -5.37 -4.51 -4.17
CA GLY F 104 -5.90 -4.23 -2.84
C GLY F 104 -4.91 -3.48 -1.98
N VAL F 105 -5.29 -3.26 -0.72
CA VAL F 105 -4.47 -2.58 0.27
C VAL F 105 -4.86 -3.19 1.62
N ASP F 106 -4.07 -2.91 2.66
CA ASP F 106 -4.40 -3.35 4.02
C ASP F 106 -5.90 -3.22 4.29
N GLY F 107 -6.57 -4.36 4.30
CA GLY F 107 -8.00 -4.40 4.63
C GLY F 107 -8.95 -4.32 3.46
N LEU F 108 -8.43 -4.45 2.25
CA LEU F 108 -9.25 -4.50 1.06
C LEU F 108 -8.68 -5.59 0.16
N ASP F 109 -9.44 -6.67 -0.02
CA ASP F 109 -9.00 -7.79 -0.85
C ASP F 109 -8.69 -7.36 -2.27
N ALA F 110 -7.86 -8.16 -2.92
CA ALA F 110 -7.51 -7.97 -4.31
C ALA F 110 -8.74 -8.22 -5.16
N MET F 111 -8.88 -7.50 -6.26
CA MET F 111 -9.96 -7.75 -7.22
C MET F 111 -9.96 -9.22 -7.65
N GLU F 112 -11.15 -9.74 -7.93
CA GLU F 112 -11.31 -11.11 -8.41
C GLU F 112 -10.76 -11.26 -9.82
N PRO F 113 -9.85 -12.24 -10.03
CA PRO F 113 -9.16 -12.47 -11.30
C PRO F 113 -10.02 -13.05 -12.43
N ASP F 114 -10.91 -13.99 -12.13
CA ASP F 114 -11.69 -14.62 -13.21
C ASP F 114 -13.22 -14.72 -13.03
N THR F 115 -13.80 -13.76 -12.33
CA THR F 115 -15.26 -13.65 -12.25
C THR F 115 -15.79 -12.88 -13.48
N ALA F 116 -17.09 -13.00 -13.73
CA ALA F 116 -17.72 -12.41 -14.91
C ALA F 116 -17.25 -10.98 -15.20
N PRO F 117 -16.87 -10.70 -16.46
CA PRO F 117 -16.38 -9.37 -16.84
C PRO F 117 -17.45 -8.29 -17.06
N GLY F 118 -18.71 -8.67 -17.21
CA GLY F 118 -19.79 -7.73 -17.45
C GLY F 118 -19.90 -7.32 -18.91
N LEU F 119 -20.79 -6.37 -19.19
CA LEU F 119 -21.01 -5.89 -20.55
C LEU F 119 -20.13 -4.69 -20.91
N PRO F 120 -19.78 -4.53 -22.20
CA PRO F 120 -20.20 -5.40 -23.31
C PRO F 120 -19.22 -6.55 -23.58
N TRP F 121 -18.25 -6.72 -22.68
CA TRP F 121 -17.20 -7.73 -22.83
C TRP F 121 -17.73 -9.15 -22.85
N ALA F 122 -18.84 -9.37 -22.13
CA ALA F 122 -19.45 -10.69 -22.05
C ALA F 122 -19.97 -11.18 -23.41
N LEU F 123 -20.42 -10.23 -24.22
CA LEU F 123 -20.94 -10.56 -25.55
C LEU F 123 -19.82 -10.78 -26.58
N GLN F 124 -18.63 -10.27 -26.27
CA GLN F 124 -17.43 -10.53 -27.06
C GLN F 124 -16.68 -11.78 -26.56
N GLY F 125 -17.27 -12.49 -25.60
CA GLY F 125 -16.66 -13.68 -24.99
C GLY F 125 -15.27 -13.48 -24.43
N LYS F 126 -14.93 -12.25 -24.06
CA LYS F 126 -13.60 -11.95 -23.53
C LYS F 126 -13.61 -12.02 -22.01
N ARG F 127 -12.85 -12.95 -21.47
CA ARG F 127 -12.71 -13.14 -20.02
C ARG F 127 -12.06 -11.92 -19.36
N ARG F 128 -12.13 -11.88 -18.04
CA ARG F 128 -11.63 -10.76 -17.26
C ARG F 128 -10.12 -10.59 -17.43
N GLY F 129 -9.42 -11.70 -17.62
CA GLY F 129 -7.98 -11.70 -17.84
C GLY F 129 -7.53 -11.09 -19.17
N ALA F 130 -8.44 -11.05 -20.15
CA ALA F 130 -8.16 -10.46 -21.44
C ALA F 130 -8.01 -8.93 -21.39
N LEU F 131 -8.42 -8.32 -20.27
CA LEU F 131 -8.48 -6.86 -20.16
C LEU F 131 -7.58 -6.29 -19.07
N ILE F 132 -7.30 -7.09 -18.05
CA ILE F 132 -6.52 -6.61 -16.91
C ILE F 132 -5.41 -7.60 -16.56
N ASP F 133 -4.25 -7.07 -16.21
CA ASP F 133 -3.16 -7.88 -15.70
C ASP F 133 -3.22 -7.86 -14.18
N PHE F 134 -3.68 -8.97 -13.61
CA PHE F 134 -3.94 -9.09 -12.17
C PHE F 134 -2.72 -9.43 -11.33
N GLU F 135 -1.60 -9.75 -11.97
CA GLU F 135 -0.37 -9.95 -11.22
C GLU F 135 0.44 -8.65 -11.06
N ASN F 136 0.52 -7.86 -12.13
CA ASN F 136 1.32 -6.63 -12.11
C ASN F 136 0.56 -5.33 -11.79
N GLY F 137 -0.78 -5.39 -11.80
CA GLY F 137 -1.62 -4.26 -11.41
C GLY F 137 -1.70 -3.17 -12.46
N THR F 138 -1.84 -3.58 -13.72
CA THR F 138 -1.95 -2.67 -14.86
C THR F 138 -3.16 -3.06 -15.70
N VAL F 139 -3.65 -2.12 -16.51
CA VAL F 139 -4.81 -2.39 -17.36
C VAL F 139 -4.51 -2.32 -18.85
N GLY F 140 -5.25 -3.11 -19.63
CA GLY F 140 -5.18 -3.08 -21.08
C GLY F 140 -5.88 -1.86 -21.67
N PRO F 141 -5.66 -1.60 -22.98
CA PRO F 141 -6.12 -0.40 -23.69
C PRO F 141 -7.64 -0.13 -23.64
N GLU F 142 -8.45 -1.18 -23.65
CA GLU F 142 -9.91 -1.03 -23.59
C GLU F 142 -10.37 -0.46 -22.25
N VAL F 143 -9.66 -0.80 -21.17
CA VAL F 143 -10.03 -0.36 -19.82
C VAL F 143 -9.56 1.07 -19.52
N GLU F 144 -8.36 1.43 -19.94
CA GLU F 144 -7.86 2.80 -19.77
C GLU F 144 -8.56 3.82 -20.68
N ALA F 145 -9.28 3.31 -21.68
CA ALA F 145 -10.11 4.15 -22.54
C ALA F 145 -11.38 4.53 -21.80
N ALA F 146 -11.96 3.55 -21.11
CA ALA F 146 -13.17 3.76 -20.29
C ALA F 146 -12.81 4.58 -19.07
N LEU F 147 -11.60 4.32 -18.56
CA LEU F 147 -11.03 5.00 -17.41
C LEU F 147 -10.98 6.51 -17.68
N LYS F 148 -10.35 6.87 -18.80
CA LYS F 148 -10.28 8.27 -19.25
C LYS F 148 -11.67 8.85 -19.58
N LEU F 149 -12.60 7.97 -19.94
CA LEU F 149 -13.99 8.37 -20.22
C LEU F 149 -14.83 8.49 -18.93
N MET F 150 -14.24 8.08 -17.81
CA MET F 150 -14.90 8.19 -16.50
C MET F 150 -14.48 9.47 -15.78
N GLU F 151 -13.20 9.83 -15.93
CA GLU F 151 -12.68 11.08 -15.42
C GLU F 151 -13.47 12.22 -16.08
N LYS F 152 -13.65 12.12 -17.39
CA LYS F 152 -14.41 13.07 -18.20
C LYS F 152 -15.93 12.92 -18.01
N ARG F 153 -16.35 11.94 -17.20
CA ARG F 153 -17.76 11.70 -16.82
C ARG F 153 -18.73 11.42 -17.97
N GLU F 154 -18.20 10.93 -19.08
CA GLU F 154 -19.01 10.56 -20.25
C GLU F 154 -19.42 9.09 -20.21
N TYR F 155 -18.69 8.31 -19.41
CA TYR F 155 -18.89 6.87 -19.30
C TYR F 155 -20.33 6.40 -19.08
N LYS F 156 -20.80 5.56 -19.98
CA LYS F 156 -22.11 4.91 -19.88
C LYS F 156 -21.85 3.43 -19.64
N PHE F 157 -22.89 2.70 -19.27
CA PHE F 157 -22.80 1.25 -19.10
C PHE F 157 -24.16 0.64 -18.87
N ALA F 158 -24.25 -0.67 -19.10
CA ALA F 158 -25.44 -1.43 -18.77
C ALA F 158 -25.08 -2.56 -17.80
N CYS F 159 -26.01 -2.90 -16.92
CA CYS F 159 -25.80 -3.97 -15.97
C CYS F 159 -26.22 -5.28 -16.61
N GLN F 160 -25.57 -6.37 -16.22
CA GLN F 160 -25.88 -7.69 -16.75
C GLN F 160 -26.61 -8.52 -15.70
N THR F 161 -27.82 -8.97 -16.04
CA THR F 161 -28.67 -9.71 -15.11
C THR F 161 -28.38 -11.22 -15.11
N PHE F 162 -27.91 -11.72 -13.97
CA PHE F 162 -27.70 -13.14 -13.74
C PHE F 162 -28.73 -13.65 -12.75
N LEU F 163 -29.25 -14.85 -13.01
CA LEU F 163 -30.14 -15.53 -12.08
C LEU F 163 -29.30 -16.25 -11.04
N LYS F 164 -29.58 -16.03 -9.76
CA LYS F 164 -28.70 -16.56 -8.72
C LYS F 164 -28.95 -18.04 -8.47
N ASP F 165 -27.93 -18.84 -8.80
CA ASP F 165 -27.96 -20.27 -8.55
C ASP F 165 -27.62 -20.56 -7.09
N GLU F 166 -28.65 -20.80 -6.28
CA GLU F 166 -28.50 -20.99 -4.83
C GLU F 166 -29.64 -21.84 -4.25
N ILE F 167 -29.51 -22.19 -2.98
CA ILE F 167 -30.54 -22.93 -2.25
C ILE F 167 -31.56 -21.98 -1.65
N ARG F 168 -32.84 -22.26 -1.86
CA ARG F 168 -33.89 -21.44 -1.29
C ARG F 168 -34.93 -22.30 -0.60
N PRO F 169 -35.70 -21.72 0.35
CA PRO F 169 -36.81 -22.46 0.94
C PRO F 169 -37.83 -22.82 -0.12
N MET F 170 -38.34 -24.05 -0.07
CA MET F 170 -39.27 -24.57 -1.08
C MET F 170 -40.48 -23.67 -1.37
N GLU F 171 -41.00 -23.03 -0.31
CA GLU F 171 -42.05 -22.02 -0.42
C GLU F 171 -41.75 -21.03 -1.55
N LYS F 172 -40.53 -20.51 -1.56
CA LYS F 172 -40.14 -19.43 -2.48
C LYS F 172 -39.64 -19.96 -3.81
N VAL F 173 -39.04 -21.15 -3.78
CA VAL F 173 -38.65 -21.86 -5.00
C VAL F 173 -39.87 -22.06 -5.89
N ARG F 174 -40.94 -22.56 -5.28
CA ARG F 174 -42.18 -22.84 -5.99
C ARG F 174 -42.88 -21.56 -6.47
N ALA F 175 -42.74 -20.47 -5.70
CA ALA F 175 -43.36 -19.19 -6.05
C ALA F 175 -42.58 -18.45 -7.14
N GLY F 176 -41.48 -19.05 -7.59
CA GLY F 176 -40.62 -18.47 -8.62
C GLY F 176 -39.78 -17.31 -8.12
N LYS F 177 -39.62 -17.21 -6.80
CA LYS F 177 -38.91 -16.11 -6.18
C LYS F 177 -37.40 -16.30 -6.18
N THR F 178 -36.84 -16.38 -7.40
CA THR F 178 -35.42 -16.51 -7.63
C THR F 178 -34.80 -15.11 -7.54
N ARG F 179 -33.72 -14.97 -6.77
CA ARG F 179 -33.04 -13.69 -6.64
C ARG F 179 -32.14 -13.44 -7.84
N ILE F 180 -31.97 -12.18 -8.18
CA ILE F 180 -31.10 -11.84 -9.31
C ILE F 180 -29.85 -11.05 -8.91
N VAL F 181 -28.80 -11.27 -9.68
CA VAL F 181 -27.49 -10.62 -9.52
C VAL F 181 -27.31 -9.65 -10.68
N ASP F 182 -26.80 -8.45 -10.40
CA ASP F 182 -26.59 -7.46 -11.43
C ASP F 182 -25.10 -7.15 -11.62
N VAL F 183 -24.49 -7.82 -12.59
CA VAL F 183 -23.06 -7.69 -12.89
C VAL F 183 -22.73 -6.39 -13.62
N LEU F 184 -21.99 -5.51 -12.96
CA LEU F 184 -21.47 -4.29 -13.57
C LEU F 184 -20.16 -4.58 -14.31
N PRO F 185 -19.86 -3.79 -15.36
CA PRO F 185 -18.61 -3.96 -16.12
C PRO F 185 -17.38 -3.79 -15.26
N VAL F 186 -16.40 -4.67 -15.45
CA VAL F 186 -15.21 -4.74 -14.61
C VAL F 186 -14.44 -3.41 -14.44
N GLU F 187 -14.58 -2.49 -15.40
CA GLU F 187 -13.88 -1.21 -15.29
C GLU F 187 -14.58 -0.28 -14.31
N HIS F 188 -15.91 -0.34 -14.27
CA HIS F 188 -16.70 0.39 -13.27
C HIS F 188 -16.27 -0.01 -11.86
N ILE F 189 -16.13 -1.31 -11.65
CA ILE F 189 -15.72 -1.84 -10.35
C ILE F 189 -14.34 -1.31 -9.97
N LEU F 190 -13.41 -1.34 -10.94
CA LEU F 190 -12.05 -0.85 -10.74
C LEU F 190 -12.04 0.63 -10.36
N TYR F 191 -12.78 1.44 -11.13
CA TYR F 191 -12.82 2.88 -10.88
C TYR F 191 -13.48 3.25 -9.54
N THR F 192 -14.54 2.51 -9.17
CA THR F 192 -15.21 2.72 -7.89
C THR F 192 -14.21 2.48 -6.77
N ARG F 193 -13.45 1.40 -6.88
CA ARG F 193 -12.42 1.07 -5.90
C ARG F 193 -11.34 2.15 -5.86
N MET F 194 -10.98 2.69 -7.02
CA MET F 194 -10.04 3.81 -7.06
C MET F 194 -10.60 5.00 -6.28
N MET F 195 -11.89 5.26 -6.44
CA MET F 195 -12.51 6.42 -5.82
C MET F 195 -12.78 6.26 -4.32
N ILE F 196 -13.19 5.06 -3.88
CA ILE F 196 -13.59 4.86 -2.47
C ILE F 196 -12.99 3.64 -1.75
N GLY F 197 -12.04 2.96 -2.40
CA GLY F 197 -11.32 1.83 -1.81
C GLY F 197 -10.59 2.13 -0.51
N ARG F 198 -9.92 3.28 -0.42
CA ARG F 198 -9.16 3.61 0.79
C ARG F 198 -10.11 3.86 1.98
N PHE F 199 -11.28 4.42 1.67
CA PHE F 199 -12.41 4.51 2.60
C PHE F 199 -12.92 3.10 2.96
N CYS F 200 -13.18 2.29 1.95
CA CYS F 200 -13.67 0.93 2.18
C CYS F 200 -12.79 0.12 3.11
N ALA F 201 -11.48 0.11 2.86
CA ALA F 201 -10.52 -0.66 3.68
C ALA F 201 -10.51 -0.19 5.14
N GLN F 202 -10.59 1.11 5.31
CA GLN F 202 -10.70 1.74 6.61
C GLN F 202 -12.02 1.37 7.32
N MET F 203 -13.12 1.31 6.58
CA MET F 203 -14.38 0.81 7.10
C MET F 203 -14.17 -0.60 7.62
N HIS F 204 -13.58 -1.44 6.78
CA HIS F 204 -13.42 -2.84 7.12
C HIS F 204 -12.66 -3.05 8.43
N SER F 205 -11.50 -2.42 8.60
CA SER F 205 -10.68 -2.66 9.79
C SER F 205 -11.21 -1.96 11.05
N ASN F 206 -12.18 -1.07 10.87
CA ASN F 206 -12.82 -0.41 11.99
C ASN F 206 -14.24 -0.90 12.29
N ASN F 207 -14.60 -2.07 11.78
CA ASN F 207 -15.95 -2.56 11.98
C ASN F 207 -16.33 -2.68 13.46
N GLY F 208 -17.59 -2.40 13.75
CA GLY F 208 -18.09 -2.44 15.10
C GLY F 208 -19.28 -1.52 15.27
N PRO F 209 -19.91 -1.56 16.44
CA PRO F 209 -21.06 -0.73 16.79
C PRO F 209 -20.82 0.78 16.62
N GLN F 210 -19.60 1.23 16.91
CA GLN F 210 -19.24 2.64 16.82
C GLN F 210 -19.50 3.25 15.42
N ILE F 211 -19.09 2.56 14.35
CA ILE F 211 -19.43 3.03 13.01
C ILE F 211 -20.70 2.35 12.48
N GLY F 212 -21.30 1.50 13.31
CA GLY F 212 -22.53 0.78 12.97
C GLY F 212 -22.40 -0.10 11.74
N SER F 213 -21.24 -0.75 11.59
CA SER F 213 -20.94 -1.57 10.43
C SER F 213 -20.24 -2.87 10.84
N ALA F 214 -20.72 -4.01 10.34
CA ALA F 214 -20.05 -5.30 10.59
C ALA F 214 -19.33 -5.83 9.37
N VAL F 215 -19.31 -5.04 8.29
CA VAL F 215 -18.57 -5.42 7.10
C VAL F 215 -17.09 -5.48 7.46
N GLY F 216 -16.44 -6.61 7.16
CA GLY F 216 -15.04 -6.82 7.53
C GLY F 216 -14.81 -7.65 8.80
N CYS F 217 -15.86 -7.86 9.60
CA CYS F 217 -15.81 -8.69 10.80
C CYS F 217 -15.66 -10.18 10.52
N ASN F 218 -15.35 -10.92 11.58
CA ASN F 218 -15.25 -12.36 11.55
C ASN F 218 -16.03 -12.94 12.74
N PRO F 219 -17.25 -13.45 12.48
CA PRO F 219 -18.17 -13.87 13.55
C PRO F 219 -17.54 -14.74 14.64
N ASP F 220 -16.65 -15.66 14.25
CA ASP F 220 -15.96 -16.54 15.22
C ASP F 220 -15.30 -15.80 16.36
N VAL F 221 -14.54 -14.74 16.04
CA VAL F 221 -13.88 -13.96 17.08
C VAL F 221 -14.64 -12.69 17.45
N ASP F 222 -15.38 -12.12 16.50
CA ASP F 222 -16.08 -10.86 16.72
C ASP F 222 -17.39 -11.00 17.48
N TRP F 223 -17.89 -12.22 17.60
CA TRP F 223 -19.11 -12.44 18.35
C TRP F 223 -18.95 -12.07 19.80
N GLN F 224 -17.79 -12.35 20.38
CA GLN F 224 -17.52 -11.93 21.75
C GLN F 224 -17.64 -10.41 21.87
N ARG F 225 -17.00 -9.70 20.94
CA ARG F 225 -17.03 -8.24 20.94
C ARG F 225 -18.49 -7.74 20.84
N PHE F 226 -19.21 -8.19 19.81
CA PHE F 226 -20.56 -7.70 19.55
C PHE F 226 -21.48 -8.09 20.69
N GLY F 227 -21.38 -9.35 21.09
CA GLY F 227 -22.14 -9.86 22.22
C GLY F 227 -22.06 -8.95 23.45
N THR F 228 -20.85 -8.77 23.98
CA THR F 228 -20.72 -8.01 25.23
C THR F 228 -21.25 -6.59 25.10
N HIS F 229 -21.08 -5.99 23.93
CA HIS F 229 -21.57 -4.64 23.71
C HIS F 229 -23.10 -4.53 23.82
N PHE F 230 -23.81 -5.38 23.09
CA PHE F 230 -25.27 -5.28 23.06
C PHE F 230 -25.89 -5.82 24.34
N ALA F 231 -25.11 -6.56 25.11
CA ALA F 231 -25.55 -7.15 26.36
C ALA F 231 -25.98 -6.11 27.39
N GLN F 232 -25.44 -4.89 27.26
CA GLN F 232 -25.64 -3.87 28.28
C GLN F 232 -26.74 -2.85 27.98
N TYR F 233 -27.71 -3.24 27.16
CA TYR F 233 -28.81 -2.33 26.82
C TYR F 233 -30.17 -2.91 27.18
N ARG F 234 -31.09 -2.03 27.58
CA ARG F 234 -32.39 -2.47 28.06
C ARG F 234 -33.25 -3.08 26.94
N ASN F 235 -33.04 -2.59 25.72
CA ASN F 235 -33.83 -3.05 24.58
C ASN F 235 -32.97 -3.37 23.37
N VAL F 236 -33.33 -4.43 22.65
CA VAL F 236 -32.62 -4.87 21.47
C VAL F 236 -33.66 -5.30 20.43
N TRP F 237 -33.49 -4.85 19.20
CA TRP F 237 -34.43 -5.15 18.12
C TRP F 237 -33.79 -5.86 16.93
N ASP F 238 -34.43 -6.96 16.51
CA ASP F 238 -34.08 -7.69 15.28
C ASP F 238 -35.02 -7.19 14.18
N VAL F 239 -34.56 -6.27 13.35
CA VAL F 239 -35.42 -5.62 12.36
C VAL F 239 -35.20 -6.20 10.98
N ASP F 240 -36.29 -6.63 10.34
CA ASP F 240 -36.23 -7.07 8.96
C ASP F 240 -36.69 -5.98 8.05
N TYR F 241 -36.00 -5.82 6.93
CA TYR F 241 -36.53 -5.06 5.84
C TYR F 241 -37.09 -6.02 4.79
N SER F 242 -37.87 -5.49 3.86
CA SER F 242 -38.39 -6.25 2.73
C SER F 242 -37.82 -5.66 1.44
N ALA F 243 -36.97 -6.43 0.77
CA ALA F 243 -36.24 -5.98 -0.40
C ALA F 243 -35.56 -4.61 -0.17
N PHE F 244 -34.76 -4.56 0.90
CA PHE F 244 -34.01 -3.36 1.29
C PHE F 244 -33.28 -2.74 0.10
N ASP F 245 -32.53 -3.58 -0.59
CA ASP F 245 -31.70 -3.16 -1.70
C ASP F 245 -32.48 -2.46 -2.83
N ALA F 246 -33.61 -3.04 -3.22
CA ALA F 246 -34.35 -2.51 -4.37
C ALA F 246 -35.09 -1.23 -4.02
N ASN F 247 -35.42 -1.06 -2.74
CA ASN F 247 -36.28 0.02 -2.33
C ASN F 247 -35.58 1.32 -1.95
N HIS F 248 -34.24 1.33 -2.00
CA HIS F 248 -33.49 2.56 -1.83
C HIS F 248 -33.99 3.53 -2.90
N CYS F 249 -34.45 4.71 -2.48
CA CYS F 249 -34.99 5.67 -3.44
C CYS F 249 -33.93 6.63 -3.96
N SER F 250 -34.14 7.16 -5.17
CA SER F 250 -33.22 8.11 -5.80
C SER F 250 -32.75 9.19 -4.84
N ASP F 251 -33.71 9.81 -4.17
CA ASP F 251 -33.46 10.96 -3.31
C ASP F 251 -32.52 10.60 -2.17
N ALA F 252 -32.82 9.51 -1.46
CA ALA F 252 -31.97 9.02 -0.38
C ALA F 252 -30.58 8.64 -0.89
N MET F 253 -30.53 7.87 -1.98
CA MET F 253 -29.28 7.45 -2.56
C MET F 253 -28.45 8.67 -2.90
N ASN F 254 -29.03 9.56 -3.71
CA ASN F 254 -28.35 10.77 -4.12
C ASN F 254 -27.86 11.62 -2.95
N ILE F 255 -28.73 11.84 -1.95
CA ILE F 255 -28.36 12.67 -0.80
C ILE F 255 -27.24 11.98 0.00
N MET F 256 -27.33 10.66 0.13
CA MET F 256 -26.28 9.94 0.84
C MET F 256 -24.92 10.17 0.22
N PHE F 257 -24.82 10.01 -1.11
CA PHE F 257 -23.57 10.20 -1.79
C PHE F 257 -23.02 11.63 -1.65
N GLU F 258 -23.94 12.60 -1.62
CA GLU F 258 -23.56 14.02 -1.56
C GLU F 258 -23.00 14.42 -0.20
N GLU F 259 -23.48 13.80 0.87
CA GLU F 259 -23.04 14.13 2.23
C GLU F 259 -21.87 13.29 2.75
N VAL F 260 -21.79 12.03 2.32
CA VAL F 260 -20.80 11.10 2.85
C VAL F 260 -19.46 11.19 2.11
N PHE F 261 -19.49 11.35 0.79
CA PHE F 261 -18.27 11.33 -0.01
C PHE F 261 -17.81 12.71 -0.50
N ARG F 262 -17.90 13.71 0.38
CA ARG F 262 -17.46 15.07 0.07
C ARG F 262 -15.94 15.16 -0.03
N THR F 263 -15.46 16.10 -0.85
CA THR F 263 -14.04 16.37 -1.03
C THR F 263 -13.47 16.86 0.30
N GLU F 264 -14.29 17.59 1.03
CA GLU F 264 -13.97 18.02 2.39
C GLU F 264 -13.45 16.84 3.23
N PHE F 265 -13.95 15.63 2.94
CA PHE F 265 -13.53 14.42 3.64
C PHE F 265 -12.38 13.74 2.93
N GLY F 266 -11.90 14.38 1.87
CA GLY F 266 -10.68 13.96 1.19
C GLY F 266 -10.95 13.05 0.03
N PHE F 267 -12.20 12.98 -0.42
CA PHE F 267 -12.57 12.14 -1.54
C PHE F 267 -12.31 12.89 -2.84
N HIS F 268 -11.90 12.15 -3.85
CA HIS F 268 -11.82 12.69 -5.20
C HIS F 268 -13.20 13.19 -5.61
N PRO F 269 -13.27 14.33 -6.33
CA PRO F 269 -14.56 14.79 -6.84
C PRO F 269 -15.41 13.69 -7.48
N ASN F 270 -14.80 12.82 -8.27
CA ASN F 270 -15.54 11.79 -8.98
C ASN F 270 -16.02 10.61 -8.13
N ALA F 271 -15.75 10.66 -6.83
CA ALA F 271 -16.30 9.68 -5.92
C ALA F 271 -17.83 9.81 -5.89
N GLU F 272 -18.31 11.02 -5.59
CA GLU F 272 -19.74 11.33 -5.67
C GLU F 272 -20.30 10.91 -7.03
N TRP F 273 -19.62 11.28 -8.11
CA TRP F 273 -20.15 11.01 -9.46
C TRP F 273 -20.26 9.52 -9.80
N ILE F 274 -19.20 8.75 -9.54
CA ILE F 274 -19.24 7.33 -9.85
C ILE F 274 -20.41 6.61 -9.15
N LEU F 275 -20.60 6.89 -7.86
CA LEU F 275 -21.67 6.27 -7.07
C LEU F 275 -23.08 6.66 -7.54
N LYS F 276 -23.22 7.87 -8.07
CA LYS F 276 -24.50 8.34 -8.58
C LYS F 276 -24.99 7.62 -9.83
N THR F 277 -24.07 6.93 -10.52
CA THR F 277 -24.44 6.15 -11.71
C THR F 277 -25.22 4.87 -11.38
N LEU F 278 -25.29 4.55 -10.08
CA LEU F 278 -26.04 3.38 -9.62
C LEU F 278 -27.53 3.68 -9.48
N VAL F 279 -27.87 4.96 -9.51
CA VAL F 279 -29.25 5.42 -9.29
C VAL F 279 -30.17 5.06 -10.46
N ASN F 280 -29.78 5.42 -11.69
CA ASN F 280 -30.57 5.10 -12.87
C ASN F 280 -29.76 4.16 -13.78
N THR F 281 -30.26 2.94 -13.91
CA THR F 281 -29.47 1.87 -14.50
C THR F 281 -30.20 1.14 -15.61
N GLU F 282 -29.42 0.63 -16.56
CA GLU F 282 -29.91 -0.23 -17.62
C GLU F 282 -29.51 -1.68 -17.31
N HIS F 283 -30.50 -2.56 -17.28
CA HIS F 283 -30.26 -3.98 -17.02
C HIS F 283 -30.57 -4.83 -18.25
N ALA F 284 -29.64 -5.72 -18.58
CA ALA F 284 -29.79 -6.60 -19.74
C ALA F 284 -30.19 -8.01 -19.33
N TYR F 285 -31.28 -8.51 -19.92
CA TYR F 285 -31.78 -9.85 -19.61
C TYR F 285 -32.30 -10.56 -20.85
N GLU F 286 -31.46 -11.47 -21.36
CA GLU F 286 -31.69 -12.14 -22.63
C GLU F 286 -32.00 -11.10 -23.71
N ASN F 287 -33.21 -11.12 -24.25
CA ASN F 287 -33.62 -10.13 -25.25
C ASN F 287 -33.96 -8.77 -24.63
N LYS F 288 -34.63 -8.81 -23.47
CA LYS F 288 -35.17 -7.65 -22.78
C LYS F 288 -34.10 -6.65 -22.30
N ARG F 289 -34.51 -5.39 -22.16
CA ARG F 289 -33.69 -4.34 -21.56
C ARG F 289 -34.58 -3.49 -20.66
N ILE F 290 -34.16 -3.31 -19.41
CA ILE F 290 -34.99 -2.61 -18.45
C ILE F 290 -34.27 -1.37 -17.92
N THR F 291 -34.84 -0.20 -18.16
CA THR F 291 -34.32 1.02 -17.56
C THR F 291 -35.01 1.23 -16.22
N VAL F 292 -34.19 1.30 -15.16
CA VAL F 292 -34.70 1.39 -13.79
C VAL F 292 -34.20 2.67 -13.11
N GLU F 293 -35.12 3.32 -12.40
CA GLU F 293 -34.78 4.47 -11.58
C GLU F 293 -34.88 4.08 -10.11
N GLY F 294 -33.77 4.16 -9.39
CA GLY F 294 -33.72 3.79 -7.99
C GLY F 294 -33.24 2.38 -7.72
N GLY F 295 -32.99 2.08 -6.46
CA GLY F 295 -32.50 0.78 -6.03
C GLY F 295 -30.99 0.65 -6.16
N MET F 296 -30.44 -0.27 -5.38
CA MET F 296 -29.03 -0.60 -5.48
C MET F 296 -28.84 -1.83 -6.38
N PRO F 297 -27.88 -1.76 -7.32
CA PRO F 297 -27.46 -3.00 -8.00
C PRO F 297 -26.62 -3.87 -7.08
N SER F 298 -26.93 -5.17 -7.02
CA SER F 298 -26.12 -6.11 -6.24
C SER F 298 -25.06 -6.64 -7.17
N GLY F 299 -23.83 -6.16 -7.01
CA GLY F 299 -22.76 -6.54 -7.91
C GLY F 299 -21.81 -5.39 -8.17
N CYS F 300 -22.23 -4.19 -7.83
CA CYS F 300 -21.32 -3.06 -7.91
C CYS F 300 -20.38 -3.15 -6.73
N SER F 301 -19.19 -2.59 -6.90
CA SER F 301 -18.22 -2.51 -5.81
C SER F 301 -18.84 -1.72 -4.66
N ALA F 302 -18.48 -2.06 -3.42
CA ALA F 302 -18.97 -1.33 -2.26
C ALA F 302 -20.50 -1.43 -2.04
N THR F 303 -21.14 -2.45 -2.61
CA THR F 303 -22.57 -2.64 -2.41
C THR F 303 -22.91 -2.79 -0.93
N SER F 304 -22.15 -3.59 -0.20
CA SER F 304 -22.39 -3.84 1.23
C SER F 304 -22.17 -2.61 2.07
N ILE F 305 -21.18 -1.83 1.68
CA ILE F 305 -20.82 -0.63 2.43
C ILE F 305 -21.87 0.45 2.22
N ILE F 306 -22.35 0.56 0.98
CA ILE F 306 -23.41 1.51 0.64
C ILE F 306 -24.70 1.17 1.37
N ASN F 307 -25.05 -0.12 1.33
CA ASN F 307 -26.21 -0.60 2.06
C ASN F 307 -26.13 -0.34 3.55
N THR F 308 -24.97 -0.59 4.15
CA THR F 308 -24.76 -0.39 5.58
C THR F 308 -24.85 1.09 5.94
N ILE F 309 -24.19 1.93 5.16
CA ILE F 309 -24.26 3.35 5.39
C ILE F 309 -25.73 3.77 5.35
N LEU F 310 -26.43 3.44 4.25
CA LEU F 310 -27.85 3.79 4.09
C LEU F 310 -28.71 3.30 5.26
N ASN F 311 -28.41 2.09 5.74
CA ASN F 311 -29.07 1.53 6.91
C ASN F 311 -28.86 2.41 8.14
N ASN F 312 -27.60 2.70 8.45
CA ASN F 312 -27.29 3.59 9.55
C ASN F 312 -28.04 4.93 9.48
N ILE F 313 -28.18 5.46 8.27
CA ILE F 313 -28.87 6.74 8.08
C ILE F 313 -30.40 6.56 8.20
N TYR F 314 -30.92 5.44 7.74
CA TYR F 314 -32.37 5.19 7.80
C TYR F 314 -32.88 5.21 9.24
N VAL F 315 -32.13 4.56 10.14
CA VAL F 315 -32.52 4.46 11.54
C VAL F 315 -32.55 5.85 12.19
N LEU F 316 -31.53 6.65 11.90
CA LEU F 316 -31.45 7.99 12.43
C LEU F 316 -32.63 8.83 11.92
N TYR F 317 -32.78 8.87 10.59
CA TYR F 317 -33.89 9.59 9.96
C TYR F 317 -35.22 9.19 10.57
N ALA F 318 -35.48 7.88 10.62
CA ALA F 318 -36.75 7.36 11.11
C ALA F 318 -37.07 7.83 12.53
N LEU F 319 -36.07 7.75 13.41
CA LEU F 319 -36.23 8.12 14.81
C LEU F 319 -36.39 9.64 14.97
N ARG F 320 -35.63 10.41 14.21
CA ARG F 320 -35.75 11.86 14.27
C ARG F 320 -37.07 12.37 13.72
N ARG F 321 -37.67 11.61 12.79
CA ARG F 321 -38.95 12.01 12.20
C ARG F 321 -40.10 11.80 13.17
N HIS F 322 -39.86 10.99 14.20
CA HIS F 322 -40.88 10.67 15.18
C HIS F 322 -40.63 11.29 16.54
N TYR F 323 -39.36 11.31 16.97
CA TYR F 323 -39.01 11.87 18.28
C TYR F 323 -38.19 13.15 18.15
N GLU F 324 -38.05 13.83 19.29
CA GLU F 324 -37.21 15.02 19.37
C GLU F 324 -36.00 14.81 20.28
N GLY F 325 -34.90 15.50 19.95
CA GLY F 325 -33.65 15.36 20.69
C GLY F 325 -32.85 14.12 20.37
N VAL F 326 -33.34 13.29 19.45
CA VAL F 326 -32.63 12.07 19.04
C VAL F 326 -31.27 12.35 18.35
N GLU F 327 -30.21 11.89 18.99
CA GLU F 327 -28.83 12.04 18.47
C GLU F 327 -28.16 10.68 18.36
N LEU F 328 -27.01 10.63 17.69
CA LEU F 328 -26.36 9.35 17.38
C LEU F 328 -26.19 8.40 18.56
N ASP F 329 -26.06 8.93 19.77
CA ASP F 329 -25.89 8.10 20.97
C ASP F 329 -27.18 7.85 21.74
N THR F 330 -28.33 8.17 21.14
CA THR F 330 -29.64 7.84 21.68
C THR F 330 -29.79 6.33 21.63
N TYR F 331 -28.98 5.72 20.77
CA TYR F 331 -29.10 4.31 20.45
C TYR F 331 -27.78 3.80 19.95
N THR F 332 -27.77 2.51 19.65
CA THR F 332 -26.61 1.90 19.06
C THR F 332 -27.10 0.87 18.04
N MET F 333 -26.28 0.60 17.03
CA MET F 333 -26.61 -0.40 16.02
C MET F 333 -25.38 -0.89 15.30
N ILE F 334 -25.50 -2.06 14.68
CA ILE F 334 -24.49 -2.56 13.78
C ILE F 334 -25.25 -3.15 12.61
N SER F 335 -24.78 -2.91 11.40
CA SER F 335 -25.41 -3.55 10.25
C SER F 335 -24.42 -4.11 9.22
N TYR F 336 -24.93 -5.02 8.43
CA TYR F 336 -24.22 -5.62 7.33
C TYR F 336 -25.24 -5.73 6.20
N GLY F 337 -25.25 -4.71 5.36
CA GLY F 337 -26.27 -4.57 4.34
C GLY F 337 -27.62 -4.36 4.97
N ASP F 338 -28.62 -5.09 4.50
CA ASP F 338 -29.95 -5.03 5.08
C ASP F 338 -29.99 -5.51 6.54
N ASP F 339 -29.09 -6.45 6.88
CA ASP F 339 -29.08 -7.09 8.21
C ASP F 339 -28.67 -6.10 9.32
N ILE F 340 -29.44 -6.06 10.39
CA ILE F 340 -29.26 -5.01 11.41
C ILE F 340 -29.60 -5.48 12.82
N VAL F 341 -28.85 -4.99 13.80
CA VAL F 341 -29.26 -5.04 15.21
C VAL F 341 -29.27 -3.61 15.76
N VAL F 342 -30.39 -3.21 16.37
CA VAL F 342 -30.51 -1.91 17.05
C VAL F 342 -30.63 -2.16 18.54
N ALA F 343 -30.07 -1.27 19.35
CA ALA F 343 -30.24 -1.33 20.80
C ALA F 343 -30.31 0.07 21.39
N SER F 344 -30.82 0.17 22.62
CA SER F 344 -31.05 1.43 23.33
C SER F 344 -31.59 1.16 24.73
N ASP F 345 -31.25 2.04 25.67
CA ASP F 345 -31.84 1.99 27.02
C ASP F 345 -33.20 2.66 27.02
N TYR F 346 -33.36 3.64 26.14
CA TYR F 346 -34.66 4.27 25.90
C TYR F 346 -35.63 3.22 25.34
N ASP F 347 -36.92 3.42 25.57
CA ASP F 347 -37.92 2.46 25.13
C ASP F 347 -38.51 2.89 23.78
N LEU F 348 -37.76 2.68 22.71
CA LEU F 348 -38.19 3.15 21.39
C LEU F 348 -39.31 2.30 20.82
N ASP F 349 -40.30 2.97 20.23
CA ASP F 349 -41.46 2.29 19.65
C ASP F 349 -41.29 2.12 18.14
N PHE F 350 -40.71 0.99 17.74
CA PHE F 350 -40.51 0.69 16.34
C PHE F 350 -41.81 0.51 15.58
N GLU F 351 -42.87 0.13 16.30
CA GLU F 351 -44.15 -0.04 15.64
C GLU F 351 -44.62 1.29 15.06
N ALA F 352 -44.40 2.37 15.81
CA ALA F 352 -44.76 3.70 15.35
C ALA F 352 -43.77 4.21 14.27
N LEU F 353 -42.59 3.60 14.23
CA LEU F 353 -41.59 3.97 13.23
C LEU F 353 -41.92 3.49 11.83
N LYS F 354 -42.74 2.44 11.72
CA LYS F 354 -43.05 1.87 10.40
C LYS F 354 -43.26 2.93 9.31
N PRO F 355 -44.24 3.84 9.50
CA PRO F 355 -44.51 4.84 8.46
C PRO F 355 -43.35 5.80 8.16
N HIS F 356 -42.44 5.98 9.12
CA HIS F 356 -41.28 6.85 8.88
C HIS F 356 -40.27 6.23 7.93
N PHE F 357 -39.99 4.95 8.13
CA PHE F 357 -39.27 4.16 7.15
C PHE F 357 -40.00 4.16 5.81
N LYS F 358 -41.33 4.19 5.88
CA LYS F 358 -42.17 4.14 4.68
C LYS F 358 -41.93 5.29 3.73
N SER F 359 -41.56 6.46 4.28
CA SER F 359 -41.24 7.63 3.47
C SER F 359 -39.99 7.48 2.60
N LEU F 360 -39.11 6.55 2.99
CA LEU F 360 -37.94 6.17 2.22
C LEU F 360 -38.24 4.93 1.38
N GLY F 361 -39.52 4.57 1.29
CA GLY F 361 -39.95 3.34 0.63
C GLY F 361 -39.44 2.05 1.28
N GLN F 362 -39.14 2.09 2.58
CA GLN F 362 -38.68 0.89 3.28
C GLN F 362 -39.74 0.35 4.24
N THR F 363 -39.97 -0.97 4.16
CA THR F 363 -40.92 -1.62 5.04
C THR F 363 -40.20 -2.44 6.11
N ILE F 364 -40.24 -1.97 7.34
CA ILE F 364 -39.67 -2.72 8.45
C ILE F 364 -40.71 -3.62 9.10
N THR F 365 -40.28 -4.82 9.48
CA THR F 365 -41.13 -5.80 10.16
C THR F 365 -40.26 -6.47 11.22
N PRO F 366 -40.89 -6.90 12.34
CA PRO F 366 -40.08 -7.59 13.34
C PRO F 366 -39.55 -8.92 12.81
N ALA F 367 -38.30 -9.21 13.10
CA ALA F 367 -37.69 -10.48 12.69
C ALA F 367 -38.30 -11.61 13.50
N ASP F 368 -38.39 -11.36 14.80
CA ASP F 368 -38.99 -12.28 15.78
C ASP F 368 -40.37 -12.76 15.38
N LYS F 369 -40.41 -14.02 14.93
CA LYS F 369 -41.64 -14.74 14.58
C LYS F 369 -42.41 -14.19 13.38
N SER F 370 -42.14 -12.93 13.03
CA SER F 370 -43.10 -12.11 12.28
C SER F 370 -44.36 -11.97 13.15
N ASP F 371 -44.12 -11.95 14.47
CA ASP F 371 -45.14 -11.73 15.49
C ASP F 371 -45.81 -10.38 15.27
N LYS F 372 -47.12 -10.34 15.45
CA LYS F 372 -47.88 -9.10 15.33
C LYS F 372 -47.34 -7.99 16.27
N GLY F 373 -46.37 -7.23 15.76
CA GLY F 373 -45.85 -6.05 16.44
C GLY F 373 -44.44 -6.17 16.99
N PHE F 374 -43.70 -5.06 16.94
CA PHE F 374 -42.41 -4.94 17.60
C PHE F 374 -42.63 -4.86 19.11
N VAL F 375 -42.02 -5.76 19.86
CA VAL F 375 -42.10 -5.70 21.33
C VAL F 375 -40.84 -5.12 21.96
N LEU F 376 -40.94 -4.74 23.23
CA LEU F 376 -39.79 -4.29 24.01
C LEU F 376 -39.30 -5.42 24.91
N GLY F 377 -38.13 -5.21 25.51
CA GLY F 377 -37.60 -6.12 26.51
C GLY F 377 -36.72 -7.23 26.00
N HIS F 378 -36.55 -7.33 24.68
CA HIS F 378 -35.67 -8.35 24.09
C HIS F 378 -34.18 -8.10 24.37
N SER F 379 -33.40 -9.18 24.42
CA SER F 379 -31.95 -9.08 24.57
C SER F 379 -31.22 -9.67 23.37
N ILE F 380 -29.88 -9.62 23.43
CA ILE F 380 -29.02 -10.08 22.35
C ILE F 380 -29.09 -11.59 22.09
N THR F 381 -29.37 -12.37 23.14
CA THR F 381 -29.52 -13.82 23.01
C THR F 381 -30.84 -14.19 22.31
N ASP F 382 -31.70 -13.21 22.09
CA ASP F 382 -32.94 -13.43 21.36
C ASP F 382 -32.81 -13.16 19.84
N VAL F 383 -31.76 -12.45 19.43
CA VAL F 383 -31.70 -12.00 18.03
C VAL F 383 -30.76 -12.80 17.11
N THR F 384 -30.86 -12.49 15.82
CA THR F 384 -30.04 -13.07 14.77
C THR F 384 -29.34 -11.97 13.98
N PHE F 385 -28.06 -12.19 13.73
CA PHE F 385 -27.28 -11.36 12.83
C PHE F 385 -26.48 -12.34 11.96
N LEU F 386 -26.45 -12.07 10.66
CA LEU F 386 -25.73 -12.91 9.69
C LEU F 386 -26.06 -14.41 9.83
N LYS F 387 -27.35 -14.71 10.01
CA LYS F 387 -27.87 -16.07 10.27
C LYS F 387 -27.25 -16.77 11.48
N ARG F 388 -26.73 -15.99 12.42
CA ARG F 388 -26.14 -16.55 13.63
C ARG F 388 -26.79 -15.97 14.86
N HIS F 389 -26.99 -16.83 15.87
CA HIS F 389 -27.44 -16.38 17.16
C HIS F 389 -26.23 -16.01 17.99
N PHE F 390 -26.46 -15.29 19.08
CA PHE F 390 -25.44 -15.00 20.06
C PHE F 390 -25.70 -15.92 21.25
N HIS F 391 -24.88 -16.95 21.39
CA HIS F 391 -24.99 -17.87 22.51
C HIS F 391 -23.70 -17.85 23.32
N MET F 392 -23.87 -17.99 24.63
CA MET F 392 -22.76 -18.05 25.56
C MET F 392 -22.13 -19.43 25.43
N ASP F 393 -20.82 -19.48 25.19
CA ASP F 393 -20.09 -20.76 25.18
C ASP F 393 -19.87 -21.26 26.61
N TYR F 394 -20.52 -22.38 26.92
CA TYR F 394 -20.60 -22.92 28.28
C TYR F 394 -19.27 -23.12 29.00
N GLY F 395 -18.15 -22.97 28.30
CA GLY F 395 -16.83 -23.30 28.84
C GLY F 395 -15.70 -22.29 28.71
N THR F 396 -15.93 -21.23 27.94
CA THR F 396 -15.02 -20.10 27.91
C THR F 396 -15.73 -18.82 28.33
N GLY F 397 -17.05 -18.91 28.50
CA GLY F 397 -17.87 -17.76 28.81
C GLY F 397 -18.15 -16.85 27.62
N PHE F 398 -17.35 -16.97 26.56
CA PHE F 398 -17.47 -16.14 25.34
C PHE F 398 -18.72 -16.43 24.54
N TYR F 399 -19.26 -15.40 23.89
CA TYR F 399 -20.36 -15.58 22.96
C TYR F 399 -19.86 -16.32 21.73
N LYS F 400 -20.70 -17.19 21.18
CA LYS F 400 -20.36 -17.92 19.96
C LYS F 400 -21.46 -17.80 18.91
N PRO F 401 -21.09 -17.75 17.61
CA PRO F 401 -22.10 -17.65 16.55
C PRO F 401 -22.77 -18.99 16.20
N VAL F 402 -23.98 -19.21 16.70
CA VAL F 402 -24.69 -20.47 16.51
C VAL F 402 -25.72 -20.37 15.39
N MET F 403 -25.64 -21.29 14.42
CA MET F 403 -26.58 -21.33 13.32
C MET F 403 -27.68 -22.33 13.62
N ALA F 404 -28.87 -22.05 13.09
CA ALA F 404 -30.00 -22.93 13.26
C ALA F 404 -29.68 -24.27 12.62
N SER F 405 -30.04 -25.34 13.32
CA SER F 405 -29.80 -26.70 12.83
C SER F 405 -30.46 -26.95 11.49
N LYS F 406 -31.70 -26.49 11.33
CA LYS F 406 -32.41 -26.64 10.05
C LYS F 406 -31.66 -25.97 8.90
N THR F 407 -31.07 -24.80 9.16
CA THR F 407 -30.27 -24.09 8.19
C THR F 407 -29.02 -24.89 7.81
N LEU F 408 -28.33 -25.43 8.81
CA LEU F 408 -27.15 -26.26 8.57
C LEU F 408 -27.43 -27.52 7.74
N GLU F 409 -28.58 -28.14 8.01
CA GLU F 409 -29.03 -29.32 7.27
C GLU F 409 -29.25 -28.98 5.80
N ALA F 410 -30.00 -27.91 5.57
CA ALA F 410 -30.17 -27.34 4.24
C ALA F 410 -28.83 -27.23 3.49
N ILE F 411 -27.88 -26.51 4.09
CA ILE F 411 -26.55 -26.30 3.52
C ILE F 411 -25.82 -27.61 3.18
N LEU F 412 -25.88 -28.58 4.08
CA LEU F 412 -25.17 -29.84 3.90
C LEU F 412 -25.84 -30.77 2.89
N SER F 413 -27.06 -30.45 2.49
CA SER F 413 -27.88 -31.32 1.64
C SER F 413 -27.68 -31.14 0.13
N PHE F 414 -26.98 -30.08 -0.28
CA PHE F 414 -26.71 -29.81 -1.69
C PHE F 414 -25.29 -29.35 -1.89
N ALA F 415 -24.65 -29.80 -2.97
CA ALA F 415 -23.27 -29.42 -3.29
C ALA F 415 -23.00 -29.52 -4.78
N ARG F 416 -22.08 -28.69 -5.28
CA ARG F 416 -21.63 -28.78 -6.66
C ARG F 416 -20.68 -29.96 -6.85
N ARG F 417 -20.83 -30.67 -7.97
CA ARG F 417 -19.97 -31.81 -8.34
C ARG F 417 -18.51 -31.58 -7.98
N GLY F 418 -17.95 -32.55 -7.26
CA GLY F 418 -16.54 -32.53 -6.88
C GLY F 418 -16.13 -31.49 -5.86
N THR F 419 -17.11 -30.89 -5.16
CA THR F 419 -16.83 -29.87 -4.14
C THR F 419 -17.22 -30.29 -2.72
N ILE F 420 -17.69 -31.53 -2.56
CA ILE F 420 -18.26 -31.99 -1.30
C ILE F 420 -17.27 -32.00 -0.13
N GLN F 421 -16.11 -32.64 -0.31
CA GLN F 421 -15.11 -32.73 0.76
C GLN F 421 -14.78 -31.33 1.25
N GLU F 422 -14.28 -30.50 0.33
CA GLU F 422 -13.98 -29.10 0.54
C GLU F 422 -15.08 -28.41 1.36
N LYS F 423 -16.33 -28.56 0.91
CA LYS F 423 -17.48 -27.92 1.54
C LYS F 423 -17.73 -28.44 2.95
N LEU F 424 -17.49 -29.72 3.16
CA LEU F 424 -17.74 -30.30 4.47
C LEU F 424 -16.81 -29.71 5.52
N ILE F 425 -15.57 -29.44 5.12
CA ILE F 425 -14.58 -28.86 6.03
C ILE F 425 -15.01 -27.45 6.39
N SER F 426 -15.46 -26.68 5.40
CA SER F 426 -15.88 -25.31 5.63
C SER F 426 -17.06 -25.26 6.59
N VAL F 427 -18.12 -25.98 6.26
CA VAL F 427 -19.34 -25.99 7.04
C VAL F 427 -19.07 -26.46 8.47
N ALA F 428 -18.03 -27.27 8.64
CA ALA F 428 -17.64 -27.74 9.98
C ALA F 428 -17.30 -26.59 10.95
N GLY F 429 -16.54 -25.62 10.46
CA GLY F 429 -16.22 -24.44 11.25
C GLY F 429 -17.44 -23.66 11.66
N LEU F 430 -18.56 -23.84 10.94
CA LEU F 430 -19.83 -23.19 11.27
C LEU F 430 -20.64 -24.02 12.25
N ALA F 431 -20.52 -25.34 12.17
CA ALA F 431 -21.35 -26.25 12.93
C ALA F 431 -20.80 -26.52 14.34
N VAL F 432 -19.47 -26.48 14.48
CA VAL F 432 -18.80 -26.61 15.80
C VAL F 432 -19.55 -25.89 16.94
N HIS F 433 -20.02 -24.68 16.65
CA HIS F 433 -20.69 -23.86 17.63
C HIS F 433 -22.07 -24.37 18.08
N SER F 434 -22.58 -25.40 17.40
CA SER F 434 -23.86 -26.01 17.75
C SER F 434 -23.74 -27.02 18.91
N GLY F 435 -22.51 -27.31 19.33
CA GLY F 435 -22.27 -28.30 20.38
C GLY F 435 -21.98 -29.70 19.83
N PRO F 436 -21.29 -30.54 20.64
CA PRO F 436 -20.80 -31.87 20.22
C PRO F 436 -21.88 -32.80 19.70
N ASP F 437 -23.01 -32.85 20.40
CA ASP F 437 -24.04 -33.79 20.02
C ASP F 437 -24.60 -33.45 18.65
N GLU F 438 -24.91 -32.17 18.46
CA GLU F 438 -25.48 -31.69 17.21
C GLU F 438 -24.45 -31.67 16.07
N TYR F 439 -23.18 -31.49 16.39
CA TYR F 439 -22.09 -31.61 15.40
C TYR F 439 -21.99 -33.05 14.85
N ARG F 440 -22.14 -34.02 15.74
CA ARG F 440 -22.10 -35.43 15.38
C ARG F 440 -23.28 -35.82 14.48
N ARG F 441 -24.48 -35.39 14.86
CA ARG F 441 -25.69 -35.70 14.12
C ARG F 441 -25.68 -35.10 12.72
N LEU F 442 -25.14 -33.90 12.60
CA LEU F 442 -25.17 -33.22 11.31
C LEU F 442 -24.29 -33.89 10.26
N PHE F 443 -23.15 -34.43 10.68
CA PHE F 443 -22.15 -34.98 9.75
C PHE F 443 -22.24 -36.50 9.61
N GLU F 444 -23.10 -37.10 10.43
CA GLU F 444 -23.36 -38.55 10.46
C GLU F 444 -23.63 -39.18 9.09
N PRO F 445 -24.41 -38.49 8.22
CA PRO F 445 -24.62 -39.04 6.88
C PRO F 445 -23.34 -39.14 6.05
N PHE F 446 -22.32 -38.37 6.41
CA PHE F 446 -21.10 -38.33 5.63
C PHE F 446 -20.04 -39.28 6.17
N GLN F 447 -20.32 -39.91 7.30
CA GLN F 447 -19.37 -40.84 7.92
C GLN F 447 -18.95 -41.97 6.99
N GLY F 448 -17.65 -42.24 6.93
CA GLY F 448 -17.13 -43.35 6.14
C GLY F 448 -16.91 -43.06 4.66
N LEU F 449 -17.33 -41.88 4.22
CA LEU F 449 -17.21 -41.49 2.81
C LEU F 449 -16.30 -40.30 2.65
N PHE F 450 -16.35 -39.39 3.62
CA PHE F 450 -15.54 -38.18 3.58
C PHE F 450 -14.83 -37.99 4.90
N GLU F 451 -13.78 -37.18 4.89
CA GLU F 451 -13.07 -36.83 6.11
C GLU F 451 -13.92 -35.83 6.88
N ILE F 452 -14.34 -36.21 8.09
CA ILE F 452 -15.02 -35.25 8.98
C ILE F 452 -14.08 -34.76 10.08
N PRO F 453 -13.82 -33.44 10.14
CA PRO F 453 -12.99 -32.92 11.23
C PRO F 453 -13.64 -33.20 12.56
N SER F 454 -12.82 -33.55 13.56
CA SER F 454 -13.31 -33.84 14.90
C SER F 454 -13.87 -32.59 15.51
N TYR F 455 -14.84 -32.75 16.40
CA TYR F 455 -15.38 -31.63 17.16
C TYR F 455 -14.26 -30.94 17.95
N ARG F 456 -13.48 -31.74 18.65
CA ARG F 456 -12.39 -31.27 19.50
C ARG F 456 -11.42 -30.39 18.74
N SER F 457 -10.92 -30.87 17.60
CA SER F 457 -9.96 -30.11 16.78
C SER F 457 -10.45 -28.71 16.46
N LEU F 458 -11.76 -28.58 16.21
CA LEU F 458 -12.37 -27.30 15.81
C LEU F 458 -12.81 -26.39 16.95
N TYR F 459 -13.22 -26.98 18.07
CA TYR F 459 -13.38 -26.21 19.30
C TYR F 459 -12.05 -25.57 19.70
N LEU F 460 -11.00 -26.39 19.78
CA LEU F 460 -9.67 -25.90 20.07
C LEU F 460 -9.20 -24.77 19.16
N ARG F 461 -9.50 -24.88 17.87
CA ARG F 461 -9.13 -23.83 16.93
C ARG F 461 -9.86 -22.53 17.26
N TRP F 462 -11.14 -22.66 17.59
CA TRP F 462 -11.97 -21.49 17.88
C TRP F 462 -11.49 -20.76 19.11
N VAL F 463 -11.26 -21.49 20.19
CA VAL F 463 -10.83 -20.90 21.46
C VAL F 463 -9.55 -20.07 21.28
N ASN F 464 -8.58 -20.58 20.52
CA ASN F 464 -7.38 -19.81 20.21
C ASN F 464 -7.70 -18.51 19.46
N ALA F 465 -8.55 -18.63 18.43
CA ALA F 465 -8.93 -17.50 17.59
C ALA F 465 -9.61 -16.38 18.39
N VAL F 466 -10.51 -16.77 19.31
CA VAL F 466 -11.28 -15.78 20.06
C VAL F 466 -10.44 -15.17 21.20
N CYS F 467 -9.46 -15.91 21.70
CA CYS F 467 -8.58 -15.43 22.76
C CYS F 467 -7.30 -16.24 22.82
N GLY F 468 -6.19 -15.63 22.41
CA GLY F 468 -4.86 -16.27 22.46
C GLY F 468 -4.42 -16.76 23.85
N ASP F 469 -5.07 -16.25 24.91
CA ASP F 469 -4.70 -16.55 26.30
C ASP F 469 -5.28 -17.88 26.83
N ALA F 470 -6.59 -17.91 27.08
CA ALA F 470 -7.27 -19.07 27.67
C ALA F 470 -7.23 -20.30 26.77
MG MG G . 34.75 0.72 0.29
O11 PPV H . 35.34 14.28 -0.63
P1 PPV H . 34.90 12.83 -0.73
O21 PPV H . 33.34 12.66 -0.77
O31 PPV H . 35.67 11.90 0.28
OPP PPV H . 35.46 12.38 -2.27
P2 PPV H . 35.66 10.74 -2.58
O12 PPV H . 37.12 10.41 -2.09
O22 PPV H . 35.47 10.60 -4.14
O32 PPV H . 34.57 10.06 -1.78
MG MG I . -31.47 -10.12 11.10
O11 PPV J . -36.56 -13.16 -0.69
P1 PPV J . -35.61 -12.15 -0.07
O21 PPV J . -35.45 -10.89 -0.88
O31 PPV J . -34.31 -12.75 0.41
OPP PPV J . -36.37 -11.69 1.29
P2 PPV J . -36.05 -10.32 2.10
O12 PPV J . -36.72 -10.54 3.44
O22 PPV J . -36.68 -9.22 1.27
O32 PPV J . -34.54 -10.26 2.16
#